data_2EWT
# 
_entry.id   2EWT 
# 
_audit_conform.dict_name       mmcif_pdbx.dic 
_audit_conform.dict_version    5.388 
_audit_conform.dict_location   http://mmcif.pdb.org/dictionaries/ascii/mmcif_pdbx.dic 
# 
loop_
_database_2.database_id 
_database_2.database_code 
_database_2.pdbx_database_accession 
_database_2.pdbx_DOI 
PDB   2EWT         pdb_00002ewt 10.2210/pdb2ewt/pdb 
RCSB  RCSB035189   ?            ?                   
WWPDB D_1000035189 ?            ?                   
# 
loop_
_pdbx_audit_revision_history.ordinal 
_pdbx_audit_revision_history.data_content_type 
_pdbx_audit_revision_history.major_revision 
_pdbx_audit_revision_history.minor_revision 
_pdbx_audit_revision_history.revision_date 
1 'Structure model' 1 0 2006-06-13 
2 'Structure model' 1 1 2008-05-01 
3 'Structure model' 1 2 2011-07-13 
4 'Structure model' 1 3 2024-03-13 
# 
_pdbx_audit_revision_details.ordinal             1 
_pdbx_audit_revision_details.revision_ordinal    1 
_pdbx_audit_revision_details.data_content_type   'Structure model' 
_pdbx_audit_revision_details.provider            repository 
_pdbx_audit_revision_details.type                'Initial release' 
_pdbx_audit_revision_details.description         ? 
_pdbx_audit_revision_details.details             ? 
# 
loop_
_pdbx_audit_revision_group.ordinal 
_pdbx_audit_revision_group.revision_ordinal 
_pdbx_audit_revision_group.data_content_type 
_pdbx_audit_revision_group.group 
1 2 'Structure model' 'Version format compliance' 
2 3 'Structure model' 'Source and taxonomy'       
3 3 'Structure model' 'Version format compliance' 
4 4 'Structure model' 'Data collection'           
5 4 'Structure model' 'Database references'       
6 4 'Structure model' 'Derived calculations'      
# 
loop_
_pdbx_audit_revision_category.ordinal 
_pdbx_audit_revision_category.revision_ordinal 
_pdbx_audit_revision_category.data_content_type 
_pdbx_audit_revision_category.category 
1 4 'Structure model' chem_comp_atom 
2 4 'Structure model' chem_comp_bond 
3 4 'Structure model' database_2     
4 4 'Structure model' struct_site    
# 
loop_
_pdbx_audit_revision_item.ordinal 
_pdbx_audit_revision_item.revision_ordinal 
_pdbx_audit_revision_item.data_content_type 
_pdbx_audit_revision_item.item 
1 4 'Structure model' '_database_2.pdbx_DOI'                
2 4 'Structure model' '_database_2.pdbx_database_accession' 
3 4 'Structure model' '_struct_site.pdbx_auth_asym_id'      
4 4 'Structure model' '_struct_site.pdbx_auth_comp_id'      
5 4 'Structure model' '_struct_site.pdbx_auth_seq_id'       
# 
_pdbx_database_status.status_code                     REL 
_pdbx_database_status.entry_id                        2EWT 
_pdbx_database_status.recvd_initial_deposition_date   2005-11-07 
_pdbx_database_status.deposit_site                    RCSB 
_pdbx_database_status.process_site                    PDBJ 
_pdbx_database_status.status_code_sf                  REL 
_pdbx_database_status.status_code_mr                  ? 
_pdbx_database_status.SG_entry                        ? 
_pdbx_database_status.pdb_format_compatible           Y 
_pdbx_database_status.status_code_cs                  ? 
_pdbx_database_status.status_code_nmr_data            ? 
_pdbx_database_status.methods_development_category    ? 
# 
loop_
_audit_author.name 
_audit_author.pdbx_ordinal 
'Kim, I.K.'  1 
'Lee, C.J.'  2 
'Kim, M.K.'  3 
'Kim, J.M.'  4 
'Kim, J.H.'  5 
'Yim, H.S.'  6 
'Cha, S.S.'  7 
'Kang, S.O.' 8 
# 
loop_
_citation.id 
_citation.title 
_citation.journal_abbrev 
_citation.journal_volume 
_citation.page_first 
_citation.page_last 
_citation.year 
_citation.journal_id_ASTM 
_citation.country 
_citation.journal_id_ISSN 
_citation.journal_id_CSD 
_citation.book_publisher 
_citation.pdbx_database_id_PubMed 
_citation.pdbx_database_id_DOI 
primary 
;Crystal structure of the DNA-binding domain of BldD, a central regulator of aerial mycelium formation in Streptomyces coelicolor A3(2)
;
Mol.Microbiol.             60 1179 1193 2006 MOMIEE UK 0950-382X 2007 ? 16689794 10.1111/j.1365-2958.2006.05176.x 
1       
;Crystallization and preliminary X-ray crystallographic analysis of the DNA-binding domain of BldD from Streptomyces coelicolor A3(2)
;
'Acta Crystallogr.,Sect.D' 60 1115 1117 2004 ABCRE6 DK 0907-4449 0766 ? 15159573 10.1107/S0907444904006961        
# 
loop_
_citation_author.citation_id 
_citation_author.name 
_citation_author.ordinal 
_citation_author.identifier_ORCID 
primary 'Kim, I.K.'  1  ? 
primary 'Lee, C.J.'  2  ? 
primary 'Kim, M.K.'  3  ? 
primary 'Kim, J.M.'  4  ? 
primary 'Kim, J.H.'  5  ? 
primary 'Yim, H.S.'  6  ? 
primary 'Cha, S.S.'  7  ? 
primary 'Kang, S.O.' 8  ? 
1       'Kim, I.K.'  9  ? 
1       'Kim, M.K.'  10 ? 
1       'Lee, C.J.'  11 ? 
1       'Yim, H.S.'  12 ? 
1       'Cha, S.S.'  13 ? 
1       'Kang, S.O.' 14 ? 
# 
loop_
_entity.id 
_entity.type 
_entity.src_method 
_entity.pdbx_description 
_entity.formula_weight 
_entity.pdbx_number_of_molecules 
_entity.pdbx_ec 
_entity.pdbx_mutation 
_entity.pdbx_fragment 
_entity.details 
1 polymer     man 'putative DNA-binding protein' 7883.973 1   ? ? 'DNA-binding domain' ? 
2 non-polymer syn 'SULFATE ION'                  96.063   3   ? ? ?                    ? 
3 water       nat water                          18.015   147 ? ? ?                    ? 
# 
_entity_name_com.entity_id   1 
_entity_name_com.name        BldD 
# 
_entity_poly.entity_id                      1 
_entity_poly.type                           'polypeptide(L)' 
_entity_poly.nstd_linkage                   no 
_entity_poly.nstd_monomer                   no 
_entity_poly.pdbx_seq_one_letter_code       MSSEYAKQLGAKLRAIRTQQGLSLHGVEEKSQGRWKAVVVGSYERGDRAVTVQRLAELADFYGVPVQELLP 
_entity_poly.pdbx_seq_one_letter_code_can   MSSEYAKQLGAKLRAIRTQQGLSLHGVEEKSQGRWKAVVVGSYERGDRAVTVQRLAELADFYGVPVQELLP 
_entity_poly.pdbx_strand_id                 A 
_entity_poly.pdbx_target_identifier         ? 
# 
loop_
_pdbx_entity_nonpoly.entity_id 
_pdbx_entity_nonpoly.name 
_pdbx_entity_nonpoly.comp_id 
2 'SULFATE ION' SO4 
3 water         HOH 
# 
loop_
_entity_poly_seq.entity_id 
_entity_poly_seq.num 
_entity_poly_seq.mon_id 
_entity_poly_seq.hetero 
1 1  MET n 
1 2  SER n 
1 3  SER n 
1 4  GLU n 
1 5  TYR n 
1 6  ALA n 
1 7  LYS n 
1 8  GLN n 
1 9  LEU n 
1 10 GLY n 
1 11 ALA n 
1 12 LYS n 
1 13 LEU n 
1 14 ARG n 
1 15 ALA n 
1 16 ILE n 
1 17 ARG n 
1 18 THR n 
1 19 GLN n 
1 20 GLN n 
1 21 GLY n 
1 22 LEU n 
1 23 SER n 
1 24 LEU n 
1 25 HIS n 
1 26 GLY n 
1 27 VAL n 
1 28 GLU n 
1 29 GLU n 
1 30 LYS n 
1 31 SER n 
1 32 GLN n 
1 33 GLY n 
1 34 ARG n 
1 35 TRP n 
1 36 LYS n 
1 37 ALA n 
1 38 VAL n 
1 39 VAL n 
1 40 VAL n 
1 41 GLY n 
1 42 SER n 
1 43 TYR n 
1 44 GLU n 
1 45 ARG n 
1 46 GLY n 
1 47 ASP n 
1 48 ARG n 
1 49 ALA n 
1 50 VAL n 
1 51 THR n 
1 52 VAL n 
1 53 GLN n 
1 54 ARG n 
1 55 LEU n 
1 56 ALA n 
1 57 GLU n 
1 58 LEU n 
1 59 ALA n 
1 60 ASP n 
1 61 PHE n 
1 62 TYR n 
1 63 GLY n 
1 64 VAL n 
1 65 PRO n 
1 66 VAL n 
1 67 GLN n 
1 68 GLU n 
1 69 LEU n 
1 70 LEU n 
1 71 PRO n 
# 
_entity_src_gen.entity_id                          1 
_entity_src_gen.pdbx_src_id                        1 
_entity_src_gen.pdbx_alt_source_flag               sample 
_entity_src_gen.pdbx_seq_type                      ? 
_entity_src_gen.pdbx_beg_seq_num                   ? 
_entity_src_gen.pdbx_end_seq_num                   ? 
_entity_src_gen.gene_src_common_name               ? 
_entity_src_gen.gene_src_genus                     Streptomyces 
_entity_src_gen.pdbx_gene_src_gene                 ? 
_entity_src_gen.gene_src_species                   'Streptomyces coelicolor' 
_entity_src_gen.gene_src_strain                    'A3(2)' 
_entity_src_gen.gene_src_tissue                    ? 
_entity_src_gen.gene_src_tissue_fraction           ? 
_entity_src_gen.gene_src_details                   ? 
_entity_src_gen.pdbx_gene_src_fragment             ? 
_entity_src_gen.pdbx_gene_src_scientific_name      'Streptomyces coelicolor' 
_entity_src_gen.pdbx_gene_src_ncbi_taxonomy_id     100226 
_entity_src_gen.pdbx_gene_src_variant              ? 
_entity_src_gen.pdbx_gene_src_cell_line            ? 
_entity_src_gen.pdbx_gene_src_atcc                 ? 
_entity_src_gen.pdbx_gene_src_organ                ? 
_entity_src_gen.pdbx_gene_src_organelle            ? 
_entity_src_gen.pdbx_gene_src_cell                 ? 
_entity_src_gen.pdbx_gene_src_cellular_location    ? 
_entity_src_gen.host_org_common_name               ? 
_entity_src_gen.pdbx_host_org_scientific_name      'Escherichia coli BL21' 
_entity_src_gen.pdbx_host_org_ncbi_taxonomy_id     511693 
_entity_src_gen.host_org_genus                     Escherichia 
_entity_src_gen.pdbx_host_org_gene                 ? 
_entity_src_gen.pdbx_host_org_organ                ? 
_entity_src_gen.host_org_species                   'Escherichia coli' 
_entity_src_gen.pdbx_host_org_tissue               ? 
_entity_src_gen.pdbx_host_org_tissue_fraction      ? 
_entity_src_gen.pdbx_host_org_strain               BL21 
_entity_src_gen.pdbx_host_org_variant              ? 
_entity_src_gen.pdbx_host_org_cell_line            ? 
_entity_src_gen.pdbx_host_org_atcc                 ? 
_entity_src_gen.pdbx_host_org_culture_collection   ? 
_entity_src_gen.pdbx_host_org_cell                 ? 
_entity_src_gen.pdbx_host_org_organelle            ? 
_entity_src_gen.pdbx_host_org_cellular_location    ? 
_entity_src_gen.pdbx_host_org_vector_type          plasmid 
_entity_src_gen.pdbx_host_org_vector               ? 
_entity_src_gen.host_org_details                   ? 
_entity_src_gen.expression_system_id               ? 
_entity_src_gen.plasmid_name                       pET15b 
_entity_src_gen.plasmid_details                    ? 
_entity_src_gen.pdbx_description                   ? 
# 
loop_
_chem_comp.id 
_chem_comp.type 
_chem_comp.mon_nstd_flag 
_chem_comp.name 
_chem_comp.pdbx_synonyms 
_chem_comp.formula 
_chem_comp.formula_weight 
ALA 'L-peptide linking' y ALANINE         ? 'C3 H7 N O2'     89.093  
ARG 'L-peptide linking' y ARGININE        ? 'C6 H15 N4 O2 1' 175.209 
ASP 'L-peptide linking' y 'ASPARTIC ACID' ? 'C4 H7 N O4'     133.103 
GLN 'L-peptide linking' y GLUTAMINE       ? 'C5 H10 N2 O3'   146.144 
GLU 'L-peptide linking' y 'GLUTAMIC ACID' ? 'C5 H9 N O4'     147.129 
GLY 'peptide linking'   y GLYCINE         ? 'C2 H5 N O2'     75.067  
HIS 'L-peptide linking' y HISTIDINE       ? 'C6 H10 N3 O2 1' 156.162 
HOH non-polymer         . WATER           ? 'H2 O'           18.015  
ILE 'L-peptide linking' y ISOLEUCINE      ? 'C6 H13 N O2'    131.173 
LEU 'L-peptide linking' y LEUCINE         ? 'C6 H13 N O2'    131.173 
LYS 'L-peptide linking' y LYSINE          ? 'C6 H15 N2 O2 1' 147.195 
MET 'L-peptide linking' y METHIONINE      ? 'C5 H11 N O2 S'  149.211 
PHE 'L-peptide linking' y PHENYLALANINE   ? 'C9 H11 N O2'    165.189 
PRO 'L-peptide linking' y PROLINE         ? 'C5 H9 N O2'     115.130 
SER 'L-peptide linking' y SERINE          ? 'C3 H7 N O3'     105.093 
SO4 non-polymer         . 'SULFATE ION'   ? 'O4 S -2'        96.063  
THR 'L-peptide linking' y THREONINE       ? 'C4 H9 N O3'     119.119 
TRP 'L-peptide linking' y TRYPTOPHAN      ? 'C11 H12 N2 O2'  204.225 
TYR 'L-peptide linking' y TYROSINE        ? 'C9 H11 N O3'    181.189 
VAL 'L-peptide linking' y VALINE          ? 'C5 H11 N O2'    117.146 
# 
loop_
_pdbx_poly_seq_scheme.asym_id 
_pdbx_poly_seq_scheme.entity_id 
_pdbx_poly_seq_scheme.seq_id 
_pdbx_poly_seq_scheme.mon_id 
_pdbx_poly_seq_scheme.ndb_seq_num 
_pdbx_poly_seq_scheme.pdb_seq_num 
_pdbx_poly_seq_scheme.auth_seq_num 
_pdbx_poly_seq_scheme.pdb_mon_id 
_pdbx_poly_seq_scheme.auth_mon_id 
_pdbx_poly_seq_scheme.pdb_strand_id 
_pdbx_poly_seq_scheme.pdb_ins_code 
_pdbx_poly_seq_scheme.hetero 
A 1 1  MET 1  1  1  MET MET A . n 
A 1 2  SER 2  2  2  SER SER A . n 
A 1 3  SER 3  3  3  SER SER A . n 
A 1 4  GLU 4  4  4  GLU GLU A . n 
A 1 5  TYR 5  5  5  TYR TYR A . n 
A 1 6  ALA 6  6  6  ALA ALA A . n 
A 1 7  LYS 7  7  7  LYS ALA A . n 
A 1 8  GLN 8  8  8  GLN GLN A . n 
A 1 9  LEU 9  9  9  LEU LEU A . n 
A 1 10 GLY 10 10 10 GLY GLY A . n 
A 1 11 ALA 11 11 11 ALA ALA A . n 
A 1 12 LYS 12 12 12 LYS LYS A . n 
A 1 13 LEU 13 13 13 LEU LEU A . n 
A 1 14 ARG 14 14 14 ARG ARG A . n 
A 1 15 ALA 15 15 15 ALA ALA A . n 
A 1 16 ILE 16 16 16 ILE ILE A . n 
A 1 17 ARG 17 17 17 ARG ARG A . n 
A 1 18 THR 18 18 18 THR THR A . n 
A 1 19 GLN 19 19 19 GLN GLN A . n 
A 1 20 GLN 20 20 20 GLN GLN A . n 
A 1 21 GLY 21 21 21 GLY GLY A . n 
A 1 22 LEU 22 22 22 LEU LEU A . n 
A 1 23 SER 23 23 23 SER SER A . n 
A 1 24 LEU 24 24 24 LEU LEU A . n 
A 1 25 HIS 25 25 25 HIS HIS A . n 
A 1 26 GLY 26 26 26 GLY GLY A . n 
A 1 27 VAL 27 27 27 VAL VAL A . n 
A 1 28 GLU 28 28 28 GLU GLU A . n 
A 1 29 GLU 29 29 29 GLU GLU A . n 
A 1 30 LYS 30 30 30 LYS LYS A . n 
A 1 31 SER 31 31 31 SER SER A . n 
A 1 32 GLN 32 32 32 GLN GLN A . n 
A 1 33 GLY 33 33 33 GLY GLY A . n 
A 1 34 ARG 34 34 34 ARG ARG A . n 
A 1 35 TRP 35 35 35 TRP TRP A . n 
A 1 36 LYS 36 36 36 LYS LYS A . n 
A 1 37 ALA 37 37 37 ALA ALA A . n 
A 1 38 VAL 38 38 38 VAL VAL A . n 
A 1 39 VAL 39 39 39 VAL VAL A . n 
A 1 40 VAL 40 40 40 VAL VAL A . n 
A 1 41 GLY 41 41 41 GLY GLY A . n 
A 1 42 SER 42 42 42 SER SER A . n 
A 1 43 TYR 43 43 43 TYR TYR A . n 
A 1 44 GLU 44 44 44 GLU GLU A . n 
A 1 45 ARG 45 45 45 ARG ARG A . n 
A 1 46 GLY 46 46 46 GLY GLY A . n 
A 1 47 ASP 47 47 47 ASP ASP A . n 
A 1 48 ARG 48 48 48 ARG ARG A . n 
A 1 49 ALA 49 49 49 ALA ALA A . n 
A 1 50 VAL 50 50 50 VAL VAL A . n 
A 1 51 THR 51 51 51 THR THR A . n 
A 1 52 VAL 52 52 52 VAL VAL A . n 
A 1 53 GLN 53 53 53 GLN GLN A . n 
A 1 54 ARG 54 54 54 ARG ARG A . n 
A 1 55 LEU 55 55 55 LEU LEU A . n 
A 1 56 ALA 56 56 56 ALA ALA A . n 
A 1 57 GLU 57 57 57 GLU GLU A . n 
A 1 58 LEU 58 58 58 LEU LEU A . n 
A 1 59 ALA 59 59 59 ALA ALA A . n 
A 1 60 ASP 60 60 60 ASP ASP A . n 
A 1 61 PHE 61 61 61 PHE PHE A . n 
A 1 62 TYR 62 62 62 TYR TYR A . n 
A 1 63 GLY 63 63 63 GLY GLY A . n 
A 1 64 VAL 64 64 64 VAL VAL A . n 
A 1 65 PRO 65 65 65 PRO PRO A . n 
A 1 66 VAL 66 66 66 VAL VAL A . n 
A 1 67 GLN 67 67 67 GLN GLN A . n 
A 1 68 GLU 68 68 68 GLU GLU A . n 
A 1 69 LEU 69 69 69 LEU LEU A . n 
A 1 70 LEU 70 70 70 LEU LEU A . n 
A 1 71 PRO 71 71 71 PRO PRO A . n 
# 
loop_
_pdbx_nonpoly_scheme.asym_id 
_pdbx_nonpoly_scheme.entity_id 
_pdbx_nonpoly_scheme.mon_id 
_pdbx_nonpoly_scheme.ndb_seq_num 
_pdbx_nonpoly_scheme.pdb_seq_num 
_pdbx_nonpoly_scheme.auth_seq_num 
_pdbx_nonpoly_scheme.pdb_mon_id 
_pdbx_nonpoly_scheme.auth_mon_id 
_pdbx_nonpoly_scheme.pdb_strand_id 
_pdbx_nonpoly_scheme.pdb_ins_code 
B 2 SO4 1   2001 1   SO4 SO4 A . 
C 2 SO4 1   2002 2   SO4 SO4 A . 
D 2 SO4 1   2015 15  SO4 SO4 A . 
E 3 HOH 1   2016 1   HOH HOH A . 
E 3 HOH 2   2017 2   HOH HOH A . 
E 3 HOH 3   2018 3   HOH HOH A . 
E 3 HOH 4   2019 4   HOH HOH A . 
E 3 HOH 5   2020 5   HOH HOH A . 
E 3 HOH 6   2021 6   HOH HOH A . 
E 3 HOH 7   2022 7   HOH HOH A . 
E 3 HOH 8   2023 8   HOH HOH A . 
E 3 HOH 9   2024 9   HOH HOH A . 
E 3 HOH 10  2025 10  HOH HOH A . 
E 3 HOH 11  2026 11  HOH HOH A . 
E 3 HOH 12  2027 12  HOH HOH A . 
E 3 HOH 13  2028 13  HOH HOH A . 
E 3 HOH 14  2029 14  HOH HOH A . 
E 3 HOH 15  2030 15  HOH HOH A . 
E 3 HOH 16  2031 16  HOH HOH A . 
E 3 HOH 17  2032 17  HOH HOH A . 
E 3 HOH 18  2033 18  HOH HOH A . 
E 3 HOH 19  2034 19  HOH HOH A . 
E 3 HOH 20  2035 20  HOH HOH A . 
E 3 HOH 21  2036 21  HOH HOH A . 
E 3 HOH 22  2037 22  HOH HOH A . 
E 3 HOH 23  2038 23  HOH HOH A . 
E 3 HOH 24  2039 24  HOH HOH A . 
E 3 HOH 25  2040 25  HOH HOH A . 
E 3 HOH 26  2041 26  HOH HOH A . 
E 3 HOH 27  2042 27  HOH HOH A . 
E 3 HOH 28  2043 28  HOH HOH A . 
E 3 HOH 29  2044 29  HOH HOH A . 
E 3 HOH 30  2045 30  HOH HOH A . 
E 3 HOH 31  2046 31  HOH HOH A . 
E 3 HOH 32  2047 32  HOH HOH A . 
E 3 HOH 33  2048 33  HOH HOH A . 
E 3 HOH 34  2049 34  HOH HOH A . 
E 3 HOH 35  2050 35  HOH HOH A . 
E 3 HOH 36  2051 36  HOH HOH A . 
E 3 HOH 37  2052 37  HOH HOH A . 
E 3 HOH 38  2053 38  HOH HOH A . 
E 3 HOH 39  2054 39  HOH HOH A . 
E 3 HOH 40  2055 40  HOH HOH A . 
E 3 HOH 41  2056 41  HOH HOH A . 
E 3 HOH 42  2057 42  HOH HOH A . 
E 3 HOH 43  2058 43  HOH HOH A . 
E 3 HOH 44  2059 44  HOH HOH A . 
E 3 HOH 45  2060 45  HOH HOH A . 
E 3 HOH 46  2061 46  HOH HOH A . 
E 3 HOH 47  2062 47  HOH HOH A . 
E 3 HOH 48  2063 48  HOH HOH A . 
E 3 HOH 49  2064 49  HOH HOH A . 
E 3 HOH 50  2065 50  HOH HOH A . 
E 3 HOH 51  2066 51  HOH HOH A . 
E 3 HOH 52  2067 52  HOH HOH A . 
E 3 HOH 53  2068 53  HOH HOH A . 
E 3 HOH 54  2069 54  HOH HOH A . 
E 3 HOH 55  2070 55  HOH HOH A . 
E 3 HOH 56  2071 56  HOH HOH A . 
E 3 HOH 57  2072 57  HOH HOH A . 
E 3 HOH 58  2073 58  HOH HOH A . 
E 3 HOH 59  2074 59  HOH HOH A . 
E 3 HOH 60  2075 60  HOH HOH A . 
E 3 HOH 61  2076 61  HOH HOH A . 
E 3 HOH 62  2077 62  HOH HOH A . 
E 3 HOH 63  2078 64  HOH HOH A . 
E 3 HOH 64  2079 65  HOH HOH A . 
E 3 HOH 65  2080 66  HOH HOH A . 
E 3 HOH 66  2081 67  HOH HOH A . 
E 3 HOH 67  2082 68  HOH HOH A . 
E 3 HOH 68  2083 69  HOH HOH A . 
E 3 HOH 69  2084 70  HOH HOH A . 
E 3 HOH 70  2085 71  HOH HOH A . 
E 3 HOH 71  2086 72  HOH HOH A . 
E 3 HOH 72  2087 73  HOH HOH A . 
E 3 HOH 73  2088 74  HOH HOH A . 
E 3 HOH 74  2089 75  HOH HOH A . 
E 3 HOH 75  2090 76  HOH HOH A . 
E 3 HOH 76  2091 78  HOH HOH A . 
E 3 HOH 77  2092 79  HOH HOH A . 
E 3 HOH 78  2093 80  HOH HOH A . 
E 3 HOH 79  2094 81  HOH HOH A . 
E 3 HOH 80  2095 84  HOH HOH A . 
E 3 HOH 81  2096 85  HOH HOH A . 
E 3 HOH 82  2097 86  HOH HOH A . 
E 3 HOH 83  2098 87  HOH HOH A . 
E 3 HOH 84  2099 88  HOH HOH A . 
E 3 HOH 85  2100 89  HOH HOH A . 
E 3 HOH 86  2101 90  HOH HOH A . 
E 3 HOH 87  2102 91  HOH HOH A . 
E 3 HOH 88  2103 92  HOH HOH A . 
E 3 HOH 89  2104 93  HOH HOH A . 
E 3 HOH 90  2105 94  HOH HOH A . 
E 3 HOH 91  2106 95  HOH HOH A . 
E 3 HOH 92  2107 96  HOH HOH A . 
E 3 HOH 93  2108 97  HOH HOH A . 
E 3 HOH 94  2109 98  HOH HOH A . 
E 3 HOH 95  2110 99  HOH HOH A . 
E 3 HOH 96  2111 100 HOH HOH A . 
E 3 HOH 97  2112 102 HOH HOH A . 
E 3 HOH 98  2113 103 HOH HOH A . 
E 3 HOH 99  2114 104 HOH HOH A . 
E 3 HOH 100 2115 105 HOH HOH A . 
E 3 HOH 101 2116 106 HOH HOH A . 
E 3 HOH 102 2117 107 HOH HOH A . 
E 3 HOH 103 2118 108 HOH HOH A . 
E 3 HOH 104 2119 109 HOH HOH A . 
E 3 HOH 105 2120 110 HOH HOH A . 
E 3 HOH 106 2121 111 HOH HOH A . 
E 3 HOH 107 2122 112 HOH HOH A . 
E 3 HOH 108 2123 113 HOH HOH A . 
E 3 HOH 109 2124 114 HOH HOH A . 
E 3 HOH 110 2125 115 HOH HOH A . 
E 3 HOH 111 2126 117 HOH HOH A . 
E 3 HOH 112 2127 118 HOH HOH A . 
E 3 HOH 113 2128 119 HOH HOH A . 
E 3 HOH 114 2129 120 HOH HOH A . 
E 3 HOH 115 2130 121 HOH HOH A . 
E 3 HOH 116 2131 122 HOH HOH A . 
E 3 HOH 117 2132 123 HOH HOH A . 
E 3 HOH 118 2133 124 HOH HOH A . 
E 3 HOH 119 2134 125 HOH HOH A . 
E 3 HOH 120 2135 126 HOH HOH A . 
E 3 HOH 121 2136 128 HOH HOH A . 
E 3 HOH 122 2137 129 HOH HOH A . 
E 3 HOH 123 2138 130 HOH HOH A . 
E 3 HOH 124 2139 131 HOH HOH A . 
E 3 HOH 125 2140 132 HOH HOH A . 
E 3 HOH 126 2141 133 HOH HOH A . 
E 3 HOH 127 2142 134 HOH HOH A . 
E 3 HOH 128 2143 136 HOH HOH A . 
E 3 HOH 129 2144 137 HOH HOH A . 
E 3 HOH 130 2145 138 HOH HOH A . 
E 3 HOH 131 2146 139 HOH HOH A . 
E 3 HOH 132 2147 140 HOH HOH A . 
E 3 HOH 133 2148 141 HOH HOH A . 
E 3 HOH 134 2149 142 HOH HOH A . 
E 3 HOH 135 2150 143 HOH HOH A . 
E 3 HOH 136 2151 3   HOH HOH A . 
E 3 HOH 137 2152 4   HOH HOH A . 
E 3 HOH 138 2153 5   HOH HOH A . 
E 3 HOH 139 2154 6   HOH HOH A . 
E 3 HOH 140 2155 7   HOH HOH A . 
E 3 HOH 141 2156 8   HOH HOH A . 
E 3 HOH 142 2157 9   HOH HOH A . 
E 3 HOH 143 2158 10  HOH HOH A . 
E 3 HOH 144 2159 11  HOH HOH A . 
E 3 HOH 145 2160 12  HOH HOH A . 
E 3 HOH 146 2161 13  HOH HOH A . 
E 3 HOH 147 2162 14  HOH HOH A . 
# 
loop_
_pdbx_unobs_or_zero_occ_atoms.id 
_pdbx_unobs_or_zero_occ_atoms.PDB_model_num 
_pdbx_unobs_or_zero_occ_atoms.polymer_flag 
_pdbx_unobs_or_zero_occ_atoms.occupancy_flag 
_pdbx_unobs_or_zero_occ_atoms.auth_asym_id 
_pdbx_unobs_or_zero_occ_atoms.auth_comp_id 
_pdbx_unobs_or_zero_occ_atoms.auth_seq_id 
_pdbx_unobs_or_zero_occ_atoms.PDB_ins_code 
_pdbx_unobs_or_zero_occ_atoms.auth_atom_id 
_pdbx_unobs_or_zero_occ_atoms.label_alt_id 
_pdbx_unobs_or_zero_occ_atoms.label_asym_id 
_pdbx_unobs_or_zero_occ_atoms.label_comp_id 
_pdbx_unobs_or_zero_occ_atoms.label_seq_id 
_pdbx_unobs_or_zero_occ_atoms.label_atom_id 
1 1 Y 1 A LYS 7 ? CG ? A LYS 7 CG 
2 1 Y 1 A LYS 7 ? CD ? A LYS 7 CD 
3 1 Y 1 A LYS 7 ? CE ? A LYS 7 CE 
4 1 Y 1 A LYS 7 ? NZ ? A LYS 7 NZ 
# 
loop_
_software.name 
_software.classification 
_software.version 
_software.citation_id 
_software.pdbx_ordinal 
CNS       refinement       1.1 ? 1 
DENZO     'data reduction' .   ? 2 
SCALEPACK 'data scaling'   .   ? 3 
SOLVE     phasing          .   ? 4 
# 
_cell.entry_id           2EWT 
_cell.length_a           77.199 
_cell.length_b           31.774 
_cell.length_c           33.644 
_cell.angle_alpha        90.00 
_cell.angle_beta         105.14 
_cell.angle_gamma        90.00 
_cell.Z_PDB              4 
_cell.pdbx_unique_axis   ? 
_cell.length_a_esd       ? 
_cell.length_b_esd       ? 
_cell.length_c_esd       ? 
_cell.angle_alpha_esd    ? 
_cell.angle_beta_esd     ? 
_cell.angle_gamma_esd    ? 
# 
_symmetry.entry_id                         2EWT 
_symmetry.space_group_name_H-M             'C 1 2 1' 
_symmetry.pdbx_full_space_group_name_H-M   ? 
_symmetry.cell_setting                     ? 
_symmetry.Int_Tables_number                5 
_symmetry.space_group_name_Hall            ? 
# 
_exptl.entry_id          2EWT 
_exptl.method            'X-RAY DIFFRACTION' 
_exptl.crystals_number   1 
# 
_exptl_crystal.id                    1 
_exptl_crystal.density_meas          ? 
_exptl_crystal.density_Matthews      2.53 
_exptl_crystal.density_percent_sol   51.29 
_exptl_crystal.description           ? 
_exptl_crystal.F_000                 ? 
_exptl_crystal.preparation           ? 
# 
_exptl_crystal_grow.crystal_id      1 
_exptl_crystal_grow.method          'VAPOR DIFFUSION, HANGING DROP' 
_exptl_crystal_grow.temp            296 
_exptl_crystal_grow.temp_details    ? 
_exptl_crystal_grow.pH              4.6 
_exptl_crystal_grow.pdbx_details    
'25% PEG 4000, 0.1M sodium acetate (pH 4.6), 0.2M ammonium sulfate, VAPOR DIFFUSION, HANGING DROP, temperature 296K' 
_exptl_crystal_grow.pdbx_pH_range   . 
# 
_diffrn.id                     1 
_diffrn.ambient_temp           100 
_diffrn.ambient_temp_details   ? 
_diffrn.crystal_id             1 
# 
_diffrn_detector.diffrn_id              1 
_diffrn_detector.detector               'IMAGE PLATE' 
_diffrn_detector.type                   'MAC Science DIP-2030B' 
_diffrn_detector.pdbx_collection_date   2003-12-05 
_diffrn_detector.details                ? 
# 
_diffrn_radiation.diffrn_id                        1 
_diffrn_radiation.wavelength_id                    1 
_diffrn_radiation.pdbx_monochromatic_or_laue_m_l   M 
_diffrn_radiation.monochromator                    Si 
_diffrn_radiation.pdbx_diffrn_protocol             MAD 
_diffrn_radiation.pdbx_scattering_type             x-ray 
# 
loop_
_diffrn_radiation_wavelength.id 
_diffrn_radiation_wavelength.wavelength 
_diffrn_radiation_wavelength.wt 
1 0.97932 1.0 
2 0.97942 1.0 
3 0.98722 1.0 
# 
_diffrn_source.diffrn_id                   1 
_diffrn_source.source                      SYNCHROTRON 
_diffrn_source.type                        'PAL/PLS BEAMLINE 6B' 
_diffrn_source.pdbx_synchrotron_site       PAL/PLS 
_diffrn_source.pdbx_synchrotron_beamline   6B 
_diffrn_source.pdbx_wavelength             ? 
_diffrn_source.pdbx_wavelength_list        '0.97932, 0.97942, 0.98722' 
# 
_reflns.entry_id                     2EWT 
_reflns.observed_criterion_sigma_I   0 
_reflns.observed_criterion_sigma_F   0 
_reflns.d_resolution_low             20 
_reflns.d_resolution_high            1.8 
_reflns.number_obs                   7031 
_reflns.number_all                   7441 
_reflns.percent_possible_obs         94.5 
_reflns.pdbx_Rmerge_I_obs            ? 
_reflns.pdbx_Rsym_value              ? 
_reflns.pdbx_netI_over_sigmaI        ? 
_reflns.B_iso_Wilson_estimate        14.7 
_reflns.pdbx_redundancy              ? 
_reflns.R_free_details               ? 
_reflns.limit_h_max                  ? 
_reflns.limit_h_min                  ? 
_reflns.limit_k_max                  ? 
_reflns.limit_k_min                  ? 
_reflns.limit_l_max                  ? 
_reflns.limit_l_min                  ? 
_reflns.observed_criterion_F_max     ? 
_reflns.observed_criterion_F_min     ? 
_reflns.pdbx_chi_squared             ? 
_reflns.pdbx_scaling_rejects         ? 
_reflns.pdbx_ordinal                 1 
_reflns.pdbx_diffrn_id               1 
# 
_reflns_shell.d_res_high             1.8 
_reflns_shell.d_res_low              1.86 
_reflns_shell.percent_possible_all   94.9 
_reflns_shell.Rmerge_I_obs           ? 
_reflns_shell.pdbx_Rsym_value        ? 
_reflns_shell.meanI_over_sigI_obs    ? 
_reflns_shell.pdbx_redundancy        ? 
_reflns_shell.percent_possible_obs   ? 
_reflns_shell.number_unique_all      ? 
_reflns_shell.number_measured_all    ? 
_reflns_shell.number_measured_obs    ? 
_reflns_shell.number_unique_obs      ? 
_reflns_shell.pdbx_chi_squared       ? 
_reflns_shell.pdbx_ordinal           1 
_reflns_shell.pdbx_diffrn_id         1 
# 
_refine.entry_id                                 2EWT 
_refine.ls_number_reflns_obs                     7031 
_refine.ls_number_reflns_all                     7441 
_refine.pdbx_ls_sigma_I                          ? 
_refine.pdbx_ls_sigma_F                          0.0 
_refine.pdbx_data_cutoff_high_absF               1438212.22 
_refine.pdbx_data_cutoff_low_absF                0.000000 
_refine.pdbx_data_cutoff_high_rms_absF           ? 
_refine.ls_d_res_low                             19.57 
_refine.ls_d_res_high                            1.81 
_refine.ls_percent_reflns_obs                    94.5 
_refine.ls_R_factor_obs                          0.188 
_refine.ls_R_factor_all                          ? 
_refine.ls_R_factor_R_work                       0.188 
_refine.ls_R_factor_R_free                       0.225 
_refine.ls_R_factor_R_free_error                 0.012 
_refine.ls_R_factor_R_free_error_details         ? 
_refine.ls_percent_reflns_R_free                 5.4 
_refine.ls_number_reflns_R_free                  381 
_refine.ls_number_parameters                     ? 
_refine.ls_number_restraints                     ? 
_refine.occupancy_min                            ? 
_refine.occupancy_max                            ? 
_refine.correlation_coeff_Fo_to_Fc               ? 
_refine.correlation_coeff_Fo_to_Fc_free          ? 
_refine.B_iso_mean                               18.3 
_refine.aniso_B[1][1]                            0.97 
_refine.aniso_B[2][2]                            0.86 
_refine.aniso_B[3][3]                            -1.83 
_refine.aniso_B[1][2]                            0.00 
_refine.aniso_B[1][3]                            0.04 
_refine.aniso_B[2][3]                            0.00 
_refine.solvent_model_details                    'FLAT MODEL' 
_refine.solvent_model_param_ksol                 0.351951 
_refine.solvent_model_param_bsol                 54.3987 
_refine.pdbx_solvent_vdw_probe_radii             ? 
_refine.pdbx_solvent_ion_probe_radii             ? 
_refine.pdbx_solvent_shrinkage_radii             ? 
_refine.pdbx_ls_cross_valid_method               THROUGHOUT 
_refine.details                                  ? 
_refine.pdbx_starting_model                      ? 
_refine.pdbx_method_to_determine_struct          MAD 
_refine.pdbx_isotropic_thermal_model             RESTRAINED 
_refine.pdbx_stereochemistry_target_values       'Engh & Huber' 
_refine.pdbx_stereochem_target_val_spec_case     ? 
_refine.pdbx_R_Free_selection_details            RANDOM 
_refine.pdbx_overall_ESU_R                       ? 
_refine.pdbx_overall_ESU_R_Free                  ? 
_refine.overall_SU_ML                            ? 
_refine.overall_SU_B                             ? 
_refine.ls_redundancy_reflns_obs                 ? 
_refine.B_iso_min                                ? 
_refine.B_iso_max                                ? 
_refine.overall_SU_R_Cruickshank_DPI             ? 
_refine.overall_SU_R_free                        ? 
_refine.ls_wR_factor_R_free                      ? 
_refine.ls_wR_factor_R_work                      ? 
_refine.overall_FOM_free_R_set                   ? 
_refine.overall_FOM_work_R_set                   ? 
_refine.pdbx_refine_id                           'X-RAY DIFFRACTION' 
_refine.pdbx_diffrn_id                           1 
_refine.pdbx_TLS_residual_ADP_flag               ? 
_refine.pdbx_overall_phase_error                 ? 
_refine.pdbx_overall_SU_R_free_Cruickshank_DPI   ? 
_refine.pdbx_overall_SU_R_Blow_DPI               ? 
_refine.pdbx_overall_SU_R_free_Blow_DPI          ? 
# 
_refine_analyze.entry_id                        2EWT 
_refine_analyze.Luzzati_coordinate_error_obs    0.18 
_refine_analyze.Luzzati_sigma_a_obs             0.04 
_refine_analyze.Luzzati_d_res_low_obs           5.00 
_refine_analyze.Luzzati_coordinate_error_free   0.24 
_refine_analyze.Luzzati_sigma_a_free            0.25 
_refine_analyze.Luzzati_d_res_low_free          ? 
_refine_analyze.number_disordered_residues      ? 
_refine_analyze.occupancy_sum_hydrogen          ? 
_refine_analyze.occupancy_sum_non_hydrogen      ? 
_refine_analyze.pdbx_Luzzati_d_res_high_obs     ? 
_refine_analyze.pdbx_refine_id                  'X-RAY DIFFRACTION' 
# 
_refine_hist.pdbx_refine_id                   'X-RAY DIFFRACTION' 
_refine_hist.cycle_id                         LAST 
_refine_hist.pdbx_number_atoms_protein        551 
_refine_hist.pdbx_number_atoms_nucleic_acid   0 
_refine_hist.pdbx_number_atoms_ligand         15 
_refine_hist.number_atoms_solvent             147 
_refine_hist.number_atoms_total               713 
_refine_hist.d_res_high                       1.81 
_refine_hist.d_res_low                        19.57 
# 
loop_
_refine_ls_restr.type 
_refine_ls_restr.dev_ideal 
_refine_ls_restr.dev_ideal_target 
_refine_ls_restr.weight 
_refine_ls_restr.number 
_refine_ls_restr.pdbx_refine_id 
_refine_ls_restr.pdbx_restraint_function 
c_bond_d           0.004 ? ? ? 'X-RAY DIFFRACTION' ? 
c_angle_deg        1.0   ? ? ? 'X-RAY DIFFRACTION' ? 
c_dihedral_angle_d 17.4  ? ? ? 'X-RAY DIFFRACTION' ? 
c_improper_angle_d 0.74  ? ? ? 'X-RAY DIFFRACTION' ? 
# 
_refine_ls_shell.pdbx_total_number_of_bins_used   6 
_refine_ls_shell.d_res_high                       1.80 
_refine_ls_shell.d_res_low                        1.91 
_refine_ls_shell.number_reflns_R_work             999 
_refine_ls_shell.R_factor_R_work                  0.186 
_refine_ls_shell.percent_reflns_obs               82.1 
_refine_ls_shell.R_factor_R_free                  ? 
_refine_ls_shell.R_factor_R_free_error            ? 
_refine_ls_shell.percent_reflns_R_free            ? 
_refine_ls_shell.number_reflns_R_free             ? 
_refine_ls_shell.number_reflns_all                ? 
_refine_ls_shell.R_factor_all                     ? 
_refine_ls_shell.number_reflns_obs                ? 
_refine_ls_shell.redundancy_reflns_obs            ? 
_refine_ls_shell.pdbx_refine_id                   'X-RAY DIFFRACTION' 
# 
loop_
_pdbx_xplor_file.serial_no 
_pdbx_xplor_file.param_file 
_pdbx_xplor_file.topol_file 
_pdbx_xplor_file.pdbx_refine_id 
1 protein_rep.param protein.top   'X-RAY DIFFRACTION' 
2 water_rep.param   water_rep.top 'X-RAY DIFFRACTION' 
3 ion.param         ion.top       'X-RAY DIFFRACTION' 
# 
_struct.entry_id                  2EWT 
_struct.title                     'Crystal structure of the DNA-binding domain of BldD' 
_struct.pdbx_model_details        ? 
_struct.pdbx_CASP_flag            ? 
_struct.pdbx_model_type_details   ? 
# 
_struct_keywords.entry_id        2EWT 
_struct_keywords.pdbx_keywords   'DNA BINDING PROTEIN' 
_struct_keywords.text            'the DNA-binding domain of BldD, DNA BINDING PROTEIN' 
# 
loop_
_struct_asym.id 
_struct_asym.pdbx_blank_PDB_chainid_flag 
_struct_asym.pdbx_modified 
_struct_asym.entity_id 
_struct_asym.details 
A N N 1 ? 
B N N 2 ? 
C N N 2 ? 
D N N 2 ? 
E N N 3 ? 
# 
_struct_ref.id                         1 
_struct_ref.db_name                    GB 
_struct_ref.db_code                    NP_625769 
_struct_ref.pdbx_db_accession          21219990 
_struct_ref.entity_id                  1 
_struct_ref.pdbx_seq_one_letter_code   MSSEYAKQLGAKLRAIRTQQGLSLHGVEEKSQGRWKAVVVGSYERGDRAVTVQRLAELADFYGVPVQELLP 
_struct_ref.pdbx_align_begin           1 
_struct_ref.pdbx_db_isoform            ? 
# 
_struct_ref_seq.align_id                      1 
_struct_ref_seq.ref_id                        1 
_struct_ref_seq.pdbx_PDB_id_code              2EWT 
_struct_ref_seq.pdbx_strand_id                A 
_struct_ref_seq.seq_align_beg                 1 
_struct_ref_seq.pdbx_seq_align_beg_ins_code   ? 
_struct_ref_seq.seq_align_end                 71 
_struct_ref_seq.pdbx_seq_align_end_ins_code   ? 
_struct_ref_seq.pdbx_db_accession             21219990 
_struct_ref_seq.db_align_beg                  1 
_struct_ref_seq.pdbx_db_align_beg_ins_code    ? 
_struct_ref_seq.db_align_end                  71 
_struct_ref_seq.pdbx_db_align_end_ins_code    ? 
_struct_ref_seq.pdbx_auth_seq_align_beg       1 
_struct_ref_seq.pdbx_auth_seq_align_end       71 
# 
_pdbx_struct_assembly.id                   1 
_pdbx_struct_assembly.details              author_defined_assembly 
_pdbx_struct_assembly.method_details       ? 
_pdbx_struct_assembly.oligomeric_details   dimeric 
_pdbx_struct_assembly.oligomeric_count     2 
# 
_pdbx_struct_assembly_gen.assembly_id       1 
_pdbx_struct_assembly_gen.oper_expression   1,2 
_pdbx_struct_assembly_gen.asym_id_list      A,B,C,D,E 
# 
loop_
_pdbx_struct_oper_list.id 
_pdbx_struct_oper_list.type 
_pdbx_struct_oper_list.name 
_pdbx_struct_oper_list.symmetry_operation 
_pdbx_struct_oper_list.matrix[1][1] 
_pdbx_struct_oper_list.matrix[1][2] 
_pdbx_struct_oper_list.matrix[1][3] 
_pdbx_struct_oper_list.vector[1] 
_pdbx_struct_oper_list.matrix[2][1] 
_pdbx_struct_oper_list.matrix[2][2] 
_pdbx_struct_oper_list.matrix[2][3] 
_pdbx_struct_oper_list.vector[2] 
_pdbx_struct_oper_list.matrix[3][1] 
_pdbx_struct_oper_list.matrix[3][2] 
_pdbx_struct_oper_list.matrix[3][3] 
_pdbx_struct_oper_list.vector[3] 
1 'identity operation'         1_555 x,y,z     1.0000000000  0.0000000000  0.0000000000 0.0000000000   0.0000000000  1.0000000000  0.0000000000  0.0000000000  0.0000000000 0.0000000000  1.0000000000  0.0000000000  
2 'crystal symmetry operation' 2_557 -x,y,-z+2 -0.0778622551 -0.6462274285 0.7591624200 -16.6364881884 -0.6462274285 -0.5471285157 -0.5320155054 -4.8440786322 0.7591624200 -0.5320155054 -0.3750092293 16.0845122235 
# 
_struct_biol.id                    1 
_struct_biol.details               
;The second part of the biological assembly is generated   
by the two fold axis:  -x+1, -y, z+3/2
;
_struct_biol.pdbx_parent_biol_id   ? 
# 
loop_
_struct_conf.conf_type_id 
_struct_conf.id 
_struct_conf.pdbx_PDB_helix_id 
_struct_conf.beg_label_comp_id 
_struct_conf.beg_label_asym_id 
_struct_conf.beg_label_seq_id 
_struct_conf.pdbx_beg_PDB_ins_code 
_struct_conf.end_label_comp_id 
_struct_conf.end_label_asym_id 
_struct_conf.end_label_seq_id 
_struct_conf.pdbx_end_PDB_ins_code 
_struct_conf.beg_auth_comp_id 
_struct_conf.beg_auth_asym_id 
_struct_conf.beg_auth_seq_id 
_struct_conf.end_auth_comp_id 
_struct_conf.end_auth_asym_id 
_struct_conf.end_auth_seq_id 
_struct_conf.pdbx_PDB_helix_class 
_struct_conf.details 
_struct_conf.pdbx_PDB_helix_length 
HELX_P HELX_P1 1 SER A 2  ? GLN A 20 ? SER A 2  GLN A 20 1 ? 19 
HELX_P HELX_P2 2 SER A 23 ? SER A 31 ? SER A 23 SER A 31 1 ? 9  
HELX_P HELX_P3 3 LYS A 36 ? ARG A 45 ? LYS A 36 ARG A 45 1 ? 10 
HELX_P HELX_P4 4 THR A 51 ? GLY A 63 ? THR A 51 GLY A 63 1 ? 13 
HELX_P HELX_P5 5 PRO A 65 ? LEU A 70 ? PRO A 65 LEU A 70 5 ? 6  
# 
_struct_conf_type.id          HELX_P 
_struct_conf_type.criteria    ? 
_struct_conf_type.reference   ? 
# 
loop_
_struct_site.id 
_struct_site.pdbx_evidence_code 
_struct_site.pdbx_auth_asym_id 
_struct_site.pdbx_auth_comp_id 
_struct_site.pdbx_auth_seq_id 
_struct_site.pdbx_auth_ins_code 
_struct_site.pdbx_num_residues 
_struct_site.details 
AC1 Software A SO4 2001 ? 5 'BINDING SITE FOR RESIDUE SO4 A 2001' 
AC2 Software A SO4 2002 ? 6 'BINDING SITE FOR RESIDUE SO4 A 2002' 
AC3 Software A SO4 2015 ? 8 'BINDING SITE FOR RESIDUE SO4 A 2015' 
# 
loop_
_struct_site_gen.id 
_struct_site_gen.site_id 
_struct_site_gen.pdbx_num_res 
_struct_site_gen.label_comp_id 
_struct_site_gen.label_asym_id 
_struct_site_gen.label_seq_id 
_struct_site_gen.pdbx_auth_ins_code 
_struct_site_gen.auth_comp_id 
_struct_site_gen.auth_asym_id 
_struct_site_gen.auth_seq_id 
_struct_site_gen.label_atom_id 
_struct_site_gen.label_alt_id 
_struct_site_gen.symmetry 
_struct_site_gen.details 
1  AC1 5 ARG A 45 ? ARG A 45   . ? 1_555 ? 
2  AC1 5 HOH E .  ? HOH A 2063 . ? 1_555 ? 
3  AC1 5 HOH E .  ? HOH A 2069 . ? 1_555 ? 
4  AC1 5 HOH E .  ? HOH A 2111 . ? 1_545 ? 
5  AC1 5 HOH E .  ? HOH A 2151 . ? 1_555 ? 
6  AC2 6 TYR A 43 ? TYR A 43   . ? 1_555 ? 
7  AC2 6 ARG A 48 ? ARG A 48   . ? 1_555 ? 
8  AC2 6 ARG A 54 ? ARG A 54   . ? 1_555 ? 
9  AC2 6 HOH E .  ? HOH A 2049 . ? 1_555 ? 
10 AC2 6 HOH E .  ? HOH A 2077 . ? 1_555 ? 
11 AC2 6 HOH E .  ? HOH A 2121 . ? 1_555 ? 
12 AC3 8 SER A 2  ? SER A 2    . ? 1_555 ? 
13 AC3 8 SER A 3  ? SER A 3    . ? 1_555 ? 
14 AC3 8 LYS A 36 ? LYS A 36   . ? 1_554 ? 
15 AC3 8 HOH E .  ? HOH A 2059 . ? 1_555 ? 
16 AC3 8 HOH E .  ? HOH A 2081 . ? 1_554 ? 
17 AC3 8 HOH E .  ? HOH A 2125 . ? 1_555 ? 
18 AC3 8 HOH E .  ? HOH A 2126 . ? 1_555 ? 
19 AC3 8 HOH E .  ? HOH A 2157 . ? 1_554 ? 
# 
loop_
_chem_comp_atom.comp_id 
_chem_comp_atom.atom_id 
_chem_comp_atom.type_symbol 
_chem_comp_atom.pdbx_aromatic_flag 
_chem_comp_atom.pdbx_stereo_config 
_chem_comp_atom.pdbx_ordinal 
ALA N    N N N 1   
ALA CA   C N S 2   
ALA C    C N N 3   
ALA O    O N N 4   
ALA CB   C N N 5   
ALA OXT  O N N 6   
ALA H    H N N 7   
ALA H2   H N N 8   
ALA HA   H N N 9   
ALA HB1  H N N 10  
ALA HB2  H N N 11  
ALA HB3  H N N 12  
ALA HXT  H N N 13  
ARG N    N N N 14  
ARG CA   C N S 15  
ARG C    C N N 16  
ARG O    O N N 17  
ARG CB   C N N 18  
ARG CG   C N N 19  
ARG CD   C N N 20  
ARG NE   N N N 21  
ARG CZ   C N N 22  
ARG NH1  N N N 23  
ARG NH2  N N N 24  
ARG OXT  O N N 25  
ARG H    H N N 26  
ARG H2   H N N 27  
ARG HA   H N N 28  
ARG HB2  H N N 29  
ARG HB3  H N N 30  
ARG HG2  H N N 31  
ARG HG3  H N N 32  
ARG HD2  H N N 33  
ARG HD3  H N N 34  
ARG HE   H N N 35  
ARG HH11 H N N 36  
ARG HH12 H N N 37  
ARG HH21 H N N 38  
ARG HH22 H N N 39  
ARG HXT  H N N 40  
ASP N    N N N 41  
ASP CA   C N S 42  
ASP C    C N N 43  
ASP O    O N N 44  
ASP CB   C N N 45  
ASP CG   C N N 46  
ASP OD1  O N N 47  
ASP OD2  O N N 48  
ASP OXT  O N N 49  
ASP H    H N N 50  
ASP H2   H N N 51  
ASP HA   H N N 52  
ASP HB2  H N N 53  
ASP HB3  H N N 54  
ASP HD2  H N N 55  
ASP HXT  H N N 56  
GLN N    N N N 57  
GLN CA   C N S 58  
GLN C    C N N 59  
GLN O    O N N 60  
GLN CB   C N N 61  
GLN CG   C N N 62  
GLN CD   C N N 63  
GLN OE1  O N N 64  
GLN NE2  N N N 65  
GLN OXT  O N N 66  
GLN H    H N N 67  
GLN H2   H N N 68  
GLN HA   H N N 69  
GLN HB2  H N N 70  
GLN HB3  H N N 71  
GLN HG2  H N N 72  
GLN HG3  H N N 73  
GLN HE21 H N N 74  
GLN HE22 H N N 75  
GLN HXT  H N N 76  
GLU N    N N N 77  
GLU CA   C N S 78  
GLU C    C N N 79  
GLU O    O N N 80  
GLU CB   C N N 81  
GLU CG   C N N 82  
GLU CD   C N N 83  
GLU OE1  O N N 84  
GLU OE2  O N N 85  
GLU OXT  O N N 86  
GLU H    H N N 87  
GLU H2   H N N 88  
GLU HA   H N N 89  
GLU HB2  H N N 90  
GLU HB3  H N N 91  
GLU HG2  H N N 92  
GLU HG3  H N N 93  
GLU HE2  H N N 94  
GLU HXT  H N N 95  
GLY N    N N N 96  
GLY CA   C N N 97  
GLY C    C N N 98  
GLY O    O N N 99  
GLY OXT  O N N 100 
GLY H    H N N 101 
GLY H2   H N N 102 
GLY HA2  H N N 103 
GLY HA3  H N N 104 
GLY HXT  H N N 105 
HIS N    N N N 106 
HIS CA   C N S 107 
HIS C    C N N 108 
HIS O    O N N 109 
HIS CB   C N N 110 
HIS CG   C Y N 111 
HIS ND1  N Y N 112 
HIS CD2  C Y N 113 
HIS CE1  C Y N 114 
HIS NE2  N Y N 115 
HIS OXT  O N N 116 
HIS H    H N N 117 
HIS H2   H N N 118 
HIS HA   H N N 119 
HIS HB2  H N N 120 
HIS HB3  H N N 121 
HIS HD1  H N N 122 
HIS HD2  H N N 123 
HIS HE1  H N N 124 
HIS HE2  H N N 125 
HIS HXT  H N N 126 
HOH O    O N N 127 
HOH H1   H N N 128 
HOH H2   H N N 129 
ILE N    N N N 130 
ILE CA   C N S 131 
ILE C    C N N 132 
ILE O    O N N 133 
ILE CB   C N S 134 
ILE CG1  C N N 135 
ILE CG2  C N N 136 
ILE CD1  C N N 137 
ILE OXT  O N N 138 
ILE H    H N N 139 
ILE H2   H N N 140 
ILE HA   H N N 141 
ILE HB   H N N 142 
ILE HG12 H N N 143 
ILE HG13 H N N 144 
ILE HG21 H N N 145 
ILE HG22 H N N 146 
ILE HG23 H N N 147 
ILE HD11 H N N 148 
ILE HD12 H N N 149 
ILE HD13 H N N 150 
ILE HXT  H N N 151 
LEU N    N N N 152 
LEU CA   C N S 153 
LEU C    C N N 154 
LEU O    O N N 155 
LEU CB   C N N 156 
LEU CG   C N N 157 
LEU CD1  C N N 158 
LEU CD2  C N N 159 
LEU OXT  O N N 160 
LEU H    H N N 161 
LEU H2   H N N 162 
LEU HA   H N N 163 
LEU HB2  H N N 164 
LEU HB3  H N N 165 
LEU HG   H N N 166 
LEU HD11 H N N 167 
LEU HD12 H N N 168 
LEU HD13 H N N 169 
LEU HD21 H N N 170 
LEU HD22 H N N 171 
LEU HD23 H N N 172 
LEU HXT  H N N 173 
LYS N    N N N 174 
LYS CA   C N S 175 
LYS C    C N N 176 
LYS O    O N N 177 
LYS CB   C N N 178 
LYS CG   C N N 179 
LYS CD   C N N 180 
LYS CE   C N N 181 
LYS NZ   N N N 182 
LYS OXT  O N N 183 
LYS H    H N N 184 
LYS H2   H N N 185 
LYS HA   H N N 186 
LYS HB2  H N N 187 
LYS HB3  H N N 188 
LYS HG2  H N N 189 
LYS HG3  H N N 190 
LYS HD2  H N N 191 
LYS HD3  H N N 192 
LYS HE2  H N N 193 
LYS HE3  H N N 194 
LYS HZ1  H N N 195 
LYS HZ2  H N N 196 
LYS HZ3  H N N 197 
LYS HXT  H N N 198 
MET N    N N N 199 
MET CA   C N S 200 
MET C    C N N 201 
MET O    O N N 202 
MET CB   C N N 203 
MET CG   C N N 204 
MET SD   S N N 205 
MET CE   C N N 206 
MET OXT  O N N 207 
MET H    H N N 208 
MET H2   H N N 209 
MET HA   H N N 210 
MET HB2  H N N 211 
MET HB3  H N N 212 
MET HG2  H N N 213 
MET HG3  H N N 214 
MET HE1  H N N 215 
MET HE2  H N N 216 
MET HE3  H N N 217 
MET HXT  H N N 218 
PHE N    N N N 219 
PHE CA   C N S 220 
PHE C    C N N 221 
PHE O    O N N 222 
PHE CB   C N N 223 
PHE CG   C Y N 224 
PHE CD1  C Y N 225 
PHE CD2  C Y N 226 
PHE CE1  C Y N 227 
PHE CE2  C Y N 228 
PHE CZ   C Y N 229 
PHE OXT  O N N 230 
PHE H    H N N 231 
PHE H2   H N N 232 
PHE HA   H N N 233 
PHE HB2  H N N 234 
PHE HB3  H N N 235 
PHE HD1  H N N 236 
PHE HD2  H N N 237 
PHE HE1  H N N 238 
PHE HE2  H N N 239 
PHE HZ   H N N 240 
PHE HXT  H N N 241 
PRO N    N N N 242 
PRO CA   C N S 243 
PRO C    C N N 244 
PRO O    O N N 245 
PRO CB   C N N 246 
PRO CG   C N N 247 
PRO CD   C N N 248 
PRO OXT  O N N 249 
PRO H    H N N 250 
PRO HA   H N N 251 
PRO HB2  H N N 252 
PRO HB3  H N N 253 
PRO HG2  H N N 254 
PRO HG3  H N N 255 
PRO HD2  H N N 256 
PRO HD3  H N N 257 
PRO HXT  H N N 258 
SER N    N N N 259 
SER CA   C N S 260 
SER C    C N N 261 
SER O    O N N 262 
SER CB   C N N 263 
SER OG   O N N 264 
SER OXT  O N N 265 
SER H    H N N 266 
SER H2   H N N 267 
SER HA   H N N 268 
SER HB2  H N N 269 
SER HB3  H N N 270 
SER HG   H N N 271 
SER HXT  H N N 272 
SO4 S    S N N 273 
SO4 O1   O N N 274 
SO4 O2   O N N 275 
SO4 O3   O N N 276 
SO4 O4   O N N 277 
THR N    N N N 278 
THR CA   C N S 279 
THR C    C N N 280 
THR O    O N N 281 
THR CB   C N R 282 
THR OG1  O N N 283 
THR CG2  C N N 284 
THR OXT  O N N 285 
THR H    H N N 286 
THR H2   H N N 287 
THR HA   H N N 288 
THR HB   H N N 289 
THR HG1  H N N 290 
THR HG21 H N N 291 
THR HG22 H N N 292 
THR HG23 H N N 293 
THR HXT  H N N 294 
TRP N    N N N 295 
TRP CA   C N S 296 
TRP C    C N N 297 
TRP O    O N N 298 
TRP CB   C N N 299 
TRP CG   C Y N 300 
TRP CD1  C Y N 301 
TRP CD2  C Y N 302 
TRP NE1  N Y N 303 
TRP CE2  C Y N 304 
TRP CE3  C Y N 305 
TRP CZ2  C Y N 306 
TRP CZ3  C Y N 307 
TRP CH2  C Y N 308 
TRP OXT  O N N 309 
TRP H    H N N 310 
TRP H2   H N N 311 
TRP HA   H N N 312 
TRP HB2  H N N 313 
TRP HB3  H N N 314 
TRP HD1  H N N 315 
TRP HE1  H N N 316 
TRP HE3  H N N 317 
TRP HZ2  H N N 318 
TRP HZ3  H N N 319 
TRP HH2  H N N 320 
TRP HXT  H N N 321 
TYR N    N N N 322 
TYR CA   C N S 323 
TYR C    C N N 324 
TYR O    O N N 325 
TYR CB   C N N 326 
TYR CG   C Y N 327 
TYR CD1  C Y N 328 
TYR CD2  C Y N 329 
TYR CE1  C Y N 330 
TYR CE2  C Y N 331 
TYR CZ   C Y N 332 
TYR OH   O N N 333 
TYR OXT  O N N 334 
TYR H    H N N 335 
TYR H2   H N N 336 
TYR HA   H N N 337 
TYR HB2  H N N 338 
TYR HB3  H N N 339 
TYR HD1  H N N 340 
TYR HD2  H N N 341 
TYR HE1  H N N 342 
TYR HE2  H N N 343 
TYR HH   H N N 344 
TYR HXT  H N N 345 
VAL N    N N N 346 
VAL CA   C N S 347 
VAL C    C N N 348 
VAL O    O N N 349 
VAL CB   C N N 350 
VAL CG1  C N N 351 
VAL CG2  C N N 352 
VAL OXT  O N N 353 
VAL H    H N N 354 
VAL H2   H N N 355 
VAL HA   H N N 356 
VAL HB   H N N 357 
VAL HG11 H N N 358 
VAL HG12 H N N 359 
VAL HG13 H N N 360 
VAL HG21 H N N 361 
VAL HG22 H N N 362 
VAL HG23 H N N 363 
VAL HXT  H N N 364 
# 
loop_
_chem_comp_bond.comp_id 
_chem_comp_bond.atom_id_1 
_chem_comp_bond.atom_id_2 
_chem_comp_bond.value_order 
_chem_comp_bond.pdbx_aromatic_flag 
_chem_comp_bond.pdbx_stereo_config 
_chem_comp_bond.pdbx_ordinal 
ALA N   CA   sing N N 1   
ALA N   H    sing N N 2   
ALA N   H2   sing N N 3   
ALA CA  C    sing N N 4   
ALA CA  CB   sing N N 5   
ALA CA  HA   sing N N 6   
ALA C   O    doub N N 7   
ALA C   OXT  sing N N 8   
ALA CB  HB1  sing N N 9   
ALA CB  HB2  sing N N 10  
ALA CB  HB3  sing N N 11  
ALA OXT HXT  sing N N 12  
ARG N   CA   sing N N 13  
ARG N   H    sing N N 14  
ARG N   H2   sing N N 15  
ARG CA  C    sing N N 16  
ARG CA  CB   sing N N 17  
ARG CA  HA   sing N N 18  
ARG C   O    doub N N 19  
ARG C   OXT  sing N N 20  
ARG CB  CG   sing N N 21  
ARG CB  HB2  sing N N 22  
ARG CB  HB3  sing N N 23  
ARG CG  CD   sing N N 24  
ARG CG  HG2  sing N N 25  
ARG CG  HG3  sing N N 26  
ARG CD  NE   sing N N 27  
ARG CD  HD2  sing N N 28  
ARG CD  HD3  sing N N 29  
ARG NE  CZ   sing N N 30  
ARG NE  HE   sing N N 31  
ARG CZ  NH1  sing N N 32  
ARG CZ  NH2  doub N N 33  
ARG NH1 HH11 sing N N 34  
ARG NH1 HH12 sing N N 35  
ARG NH2 HH21 sing N N 36  
ARG NH2 HH22 sing N N 37  
ARG OXT HXT  sing N N 38  
ASP N   CA   sing N N 39  
ASP N   H    sing N N 40  
ASP N   H2   sing N N 41  
ASP CA  C    sing N N 42  
ASP CA  CB   sing N N 43  
ASP CA  HA   sing N N 44  
ASP C   O    doub N N 45  
ASP C   OXT  sing N N 46  
ASP CB  CG   sing N N 47  
ASP CB  HB2  sing N N 48  
ASP CB  HB3  sing N N 49  
ASP CG  OD1  doub N N 50  
ASP CG  OD2  sing N N 51  
ASP OD2 HD2  sing N N 52  
ASP OXT HXT  sing N N 53  
GLN N   CA   sing N N 54  
GLN N   H    sing N N 55  
GLN N   H2   sing N N 56  
GLN CA  C    sing N N 57  
GLN CA  CB   sing N N 58  
GLN CA  HA   sing N N 59  
GLN C   O    doub N N 60  
GLN C   OXT  sing N N 61  
GLN CB  CG   sing N N 62  
GLN CB  HB2  sing N N 63  
GLN CB  HB3  sing N N 64  
GLN CG  CD   sing N N 65  
GLN CG  HG2  sing N N 66  
GLN CG  HG3  sing N N 67  
GLN CD  OE1  doub N N 68  
GLN CD  NE2  sing N N 69  
GLN NE2 HE21 sing N N 70  
GLN NE2 HE22 sing N N 71  
GLN OXT HXT  sing N N 72  
GLU N   CA   sing N N 73  
GLU N   H    sing N N 74  
GLU N   H2   sing N N 75  
GLU CA  C    sing N N 76  
GLU CA  CB   sing N N 77  
GLU CA  HA   sing N N 78  
GLU C   O    doub N N 79  
GLU C   OXT  sing N N 80  
GLU CB  CG   sing N N 81  
GLU CB  HB2  sing N N 82  
GLU CB  HB3  sing N N 83  
GLU CG  CD   sing N N 84  
GLU CG  HG2  sing N N 85  
GLU CG  HG3  sing N N 86  
GLU CD  OE1  doub N N 87  
GLU CD  OE2  sing N N 88  
GLU OE2 HE2  sing N N 89  
GLU OXT HXT  sing N N 90  
GLY N   CA   sing N N 91  
GLY N   H    sing N N 92  
GLY N   H2   sing N N 93  
GLY CA  C    sing N N 94  
GLY CA  HA2  sing N N 95  
GLY CA  HA3  sing N N 96  
GLY C   O    doub N N 97  
GLY C   OXT  sing N N 98  
GLY OXT HXT  sing N N 99  
HIS N   CA   sing N N 100 
HIS N   H    sing N N 101 
HIS N   H2   sing N N 102 
HIS CA  C    sing N N 103 
HIS CA  CB   sing N N 104 
HIS CA  HA   sing N N 105 
HIS C   O    doub N N 106 
HIS C   OXT  sing N N 107 
HIS CB  CG   sing N N 108 
HIS CB  HB2  sing N N 109 
HIS CB  HB3  sing N N 110 
HIS CG  ND1  sing Y N 111 
HIS CG  CD2  doub Y N 112 
HIS ND1 CE1  doub Y N 113 
HIS ND1 HD1  sing N N 114 
HIS CD2 NE2  sing Y N 115 
HIS CD2 HD2  sing N N 116 
HIS CE1 NE2  sing Y N 117 
HIS CE1 HE1  sing N N 118 
HIS NE2 HE2  sing N N 119 
HIS OXT HXT  sing N N 120 
HOH O   H1   sing N N 121 
HOH O   H2   sing N N 122 
ILE N   CA   sing N N 123 
ILE N   H    sing N N 124 
ILE N   H2   sing N N 125 
ILE CA  C    sing N N 126 
ILE CA  CB   sing N N 127 
ILE CA  HA   sing N N 128 
ILE C   O    doub N N 129 
ILE C   OXT  sing N N 130 
ILE CB  CG1  sing N N 131 
ILE CB  CG2  sing N N 132 
ILE CB  HB   sing N N 133 
ILE CG1 CD1  sing N N 134 
ILE CG1 HG12 sing N N 135 
ILE CG1 HG13 sing N N 136 
ILE CG2 HG21 sing N N 137 
ILE CG2 HG22 sing N N 138 
ILE CG2 HG23 sing N N 139 
ILE CD1 HD11 sing N N 140 
ILE CD1 HD12 sing N N 141 
ILE CD1 HD13 sing N N 142 
ILE OXT HXT  sing N N 143 
LEU N   CA   sing N N 144 
LEU N   H    sing N N 145 
LEU N   H2   sing N N 146 
LEU CA  C    sing N N 147 
LEU CA  CB   sing N N 148 
LEU CA  HA   sing N N 149 
LEU C   O    doub N N 150 
LEU C   OXT  sing N N 151 
LEU CB  CG   sing N N 152 
LEU CB  HB2  sing N N 153 
LEU CB  HB3  sing N N 154 
LEU CG  CD1  sing N N 155 
LEU CG  CD2  sing N N 156 
LEU CG  HG   sing N N 157 
LEU CD1 HD11 sing N N 158 
LEU CD1 HD12 sing N N 159 
LEU CD1 HD13 sing N N 160 
LEU CD2 HD21 sing N N 161 
LEU CD2 HD22 sing N N 162 
LEU CD2 HD23 sing N N 163 
LEU OXT HXT  sing N N 164 
LYS N   CA   sing N N 165 
LYS N   H    sing N N 166 
LYS N   H2   sing N N 167 
LYS CA  C    sing N N 168 
LYS CA  CB   sing N N 169 
LYS CA  HA   sing N N 170 
LYS C   O    doub N N 171 
LYS C   OXT  sing N N 172 
LYS CB  CG   sing N N 173 
LYS CB  HB2  sing N N 174 
LYS CB  HB3  sing N N 175 
LYS CG  CD   sing N N 176 
LYS CG  HG2  sing N N 177 
LYS CG  HG3  sing N N 178 
LYS CD  CE   sing N N 179 
LYS CD  HD2  sing N N 180 
LYS CD  HD3  sing N N 181 
LYS CE  NZ   sing N N 182 
LYS CE  HE2  sing N N 183 
LYS CE  HE3  sing N N 184 
LYS NZ  HZ1  sing N N 185 
LYS NZ  HZ2  sing N N 186 
LYS NZ  HZ3  sing N N 187 
LYS OXT HXT  sing N N 188 
MET N   CA   sing N N 189 
MET N   H    sing N N 190 
MET N   H2   sing N N 191 
MET CA  C    sing N N 192 
MET CA  CB   sing N N 193 
MET CA  HA   sing N N 194 
MET C   O    doub N N 195 
MET C   OXT  sing N N 196 
MET CB  CG   sing N N 197 
MET CB  HB2  sing N N 198 
MET CB  HB3  sing N N 199 
MET CG  SD   sing N N 200 
MET CG  HG2  sing N N 201 
MET CG  HG3  sing N N 202 
MET SD  CE   sing N N 203 
MET CE  HE1  sing N N 204 
MET CE  HE2  sing N N 205 
MET CE  HE3  sing N N 206 
MET OXT HXT  sing N N 207 
PHE N   CA   sing N N 208 
PHE N   H    sing N N 209 
PHE N   H2   sing N N 210 
PHE CA  C    sing N N 211 
PHE CA  CB   sing N N 212 
PHE CA  HA   sing N N 213 
PHE C   O    doub N N 214 
PHE C   OXT  sing N N 215 
PHE CB  CG   sing N N 216 
PHE CB  HB2  sing N N 217 
PHE CB  HB3  sing N N 218 
PHE CG  CD1  doub Y N 219 
PHE CG  CD2  sing Y N 220 
PHE CD1 CE1  sing Y N 221 
PHE CD1 HD1  sing N N 222 
PHE CD2 CE2  doub Y N 223 
PHE CD2 HD2  sing N N 224 
PHE CE1 CZ   doub Y N 225 
PHE CE1 HE1  sing N N 226 
PHE CE2 CZ   sing Y N 227 
PHE CE2 HE2  sing N N 228 
PHE CZ  HZ   sing N N 229 
PHE OXT HXT  sing N N 230 
PRO N   CA   sing N N 231 
PRO N   CD   sing N N 232 
PRO N   H    sing N N 233 
PRO CA  C    sing N N 234 
PRO CA  CB   sing N N 235 
PRO CA  HA   sing N N 236 
PRO C   O    doub N N 237 
PRO C   OXT  sing N N 238 
PRO CB  CG   sing N N 239 
PRO CB  HB2  sing N N 240 
PRO CB  HB3  sing N N 241 
PRO CG  CD   sing N N 242 
PRO CG  HG2  sing N N 243 
PRO CG  HG3  sing N N 244 
PRO CD  HD2  sing N N 245 
PRO CD  HD3  sing N N 246 
PRO OXT HXT  sing N N 247 
SER N   CA   sing N N 248 
SER N   H    sing N N 249 
SER N   H2   sing N N 250 
SER CA  C    sing N N 251 
SER CA  CB   sing N N 252 
SER CA  HA   sing N N 253 
SER C   O    doub N N 254 
SER C   OXT  sing N N 255 
SER CB  OG   sing N N 256 
SER CB  HB2  sing N N 257 
SER CB  HB3  sing N N 258 
SER OG  HG   sing N N 259 
SER OXT HXT  sing N N 260 
SO4 S   O1   doub N N 261 
SO4 S   O2   doub N N 262 
SO4 S   O3   sing N N 263 
SO4 S   O4   sing N N 264 
THR N   CA   sing N N 265 
THR N   H    sing N N 266 
THR N   H2   sing N N 267 
THR CA  C    sing N N 268 
THR CA  CB   sing N N 269 
THR CA  HA   sing N N 270 
THR C   O    doub N N 271 
THR C   OXT  sing N N 272 
THR CB  OG1  sing N N 273 
THR CB  CG2  sing N N 274 
THR CB  HB   sing N N 275 
THR OG1 HG1  sing N N 276 
THR CG2 HG21 sing N N 277 
THR CG2 HG22 sing N N 278 
THR CG2 HG23 sing N N 279 
THR OXT HXT  sing N N 280 
TRP N   CA   sing N N 281 
TRP N   H    sing N N 282 
TRP N   H2   sing N N 283 
TRP CA  C    sing N N 284 
TRP CA  CB   sing N N 285 
TRP CA  HA   sing N N 286 
TRP C   O    doub N N 287 
TRP C   OXT  sing N N 288 
TRP CB  CG   sing N N 289 
TRP CB  HB2  sing N N 290 
TRP CB  HB3  sing N N 291 
TRP CG  CD1  doub Y N 292 
TRP CG  CD2  sing Y N 293 
TRP CD1 NE1  sing Y N 294 
TRP CD1 HD1  sing N N 295 
TRP CD2 CE2  doub Y N 296 
TRP CD2 CE3  sing Y N 297 
TRP NE1 CE2  sing Y N 298 
TRP NE1 HE1  sing N N 299 
TRP CE2 CZ2  sing Y N 300 
TRP CE3 CZ3  doub Y N 301 
TRP CE3 HE3  sing N N 302 
TRP CZ2 CH2  doub Y N 303 
TRP CZ2 HZ2  sing N N 304 
TRP CZ3 CH2  sing Y N 305 
TRP CZ3 HZ3  sing N N 306 
TRP CH2 HH2  sing N N 307 
TRP OXT HXT  sing N N 308 
TYR N   CA   sing N N 309 
TYR N   H    sing N N 310 
TYR N   H2   sing N N 311 
TYR CA  C    sing N N 312 
TYR CA  CB   sing N N 313 
TYR CA  HA   sing N N 314 
TYR C   O    doub N N 315 
TYR C   OXT  sing N N 316 
TYR CB  CG   sing N N 317 
TYR CB  HB2  sing N N 318 
TYR CB  HB3  sing N N 319 
TYR CG  CD1  doub Y N 320 
TYR CG  CD2  sing Y N 321 
TYR CD1 CE1  sing Y N 322 
TYR CD1 HD1  sing N N 323 
TYR CD2 CE2  doub Y N 324 
TYR CD2 HD2  sing N N 325 
TYR CE1 CZ   doub Y N 326 
TYR CE1 HE1  sing N N 327 
TYR CE2 CZ   sing Y N 328 
TYR CE2 HE2  sing N N 329 
TYR CZ  OH   sing N N 330 
TYR OH  HH   sing N N 331 
TYR OXT HXT  sing N N 332 
VAL N   CA   sing N N 333 
VAL N   H    sing N N 334 
VAL N   H2   sing N N 335 
VAL CA  C    sing N N 336 
VAL CA  CB   sing N N 337 
VAL CA  HA   sing N N 338 
VAL C   O    doub N N 339 
VAL C   OXT  sing N N 340 
VAL CB  CG1  sing N N 341 
VAL CB  CG2  sing N N 342 
VAL CB  HB   sing N N 343 
VAL CG1 HG11 sing N N 344 
VAL CG1 HG12 sing N N 345 
VAL CG1 HG13 sing N N 346 
VAL CG2 HG21 sing N N 347 
VAL CG2 HG22 sing N N 348 
VAL CG2 HG23 sing N N 349 
VAL OXT HXT  sing N N 350 
# 
_atom_sites.entry_id                    2EWT 
_atom_sites.fract_transf_matrix[1][1]   0.00653940 
_atom_sites.fract_transf_matrix[1][2]   -0.00372254 
_atom_sites.fract_transf_matrix[1][3]   -0.01111203 
_atom_sites.fract_transf_matrix[2][1]   -0.02137013 
_atom_sites.fract_transf_matrix[2][2]   0.01497603 
_atom_sites.fract_transf_matrix[2][3]   -0.01759325 
_atom_sites.fract_transf_matrix[3][1]   0.02023991 
_atom_sites.fract_transf_matrix[3][2]   0.02257623 
_atom_sites.fract_transf_matrix[3][3]   -0.00536723 
_atom_sites.fract_transf_vector[1]      0.134780 
_atom_sites.fract_transf_vector[2]      -0.747188 
_atom_sites.fract_transf_vector[3]      1.266214 
# 
loop_
_atom_type.symbol 
C 
N 
O 
S 
# 
loop_
_atom_site.group_PDB 
_atom_site.id 
_atom_site.type_symbol 
_atom_site.label_atom_id 
_atom_site.label_alt_id 
_atom_site.label_comp_id 
_atom_site.label_asym_id 
_atom_site.label_entity_id 
_atom_site.label_seq_id 
_atom_site.pdbx_PDB_ins_code 
_atom_site.Cartn_x 
_atom_site.Cartn_y 
_atom_site.Cartn_z 
_atom_site.occupancy 
_atom_site.B_iso_or_equiv 
_atom_site.pdbx_formal_charge 
_atom_site.auth_seq_id 
_atom_site.auth_comp_id 
_atom_site.auth_asym_id 
_atom_site.auth_atom_id 
_atom_site.pdbx_PDB_model_num 
ATOM   1   N N   . MET A 1 1  ? -3.634  -12.116 9.502   1.00 18.25 ? 1    MET A N   1 
ATOM   2   C CA  . MET A 1 1  ? -4.522  -12.314 8.317   1.00 18.58 ? 1    MET A CA  1 
ATOM   3   C C   . MET A 1 1  ? -4.078  -13.517 7.497   1.00 18.25 ? 1    MET A C   1 
ATOM   4   O O   . MET A 1 1  ? -2.903  -13.879 7.503   1.00 19.55 ? 1    MET A O   1 
ATOM   5   C CB  . MET A 1 1  ? -4.507  -11.067 7.430   1.00 17.74 ? 1    MET A CB  1 
ATOM   6   C CG  . MET A 1 1  ? -4.986  -9.808  8.127   1.00 18.80 ? 1    MET A CG  1 
ATOM   7   S SD  . MET A 1 1  ? -5.140  -8.417  6.998   1.00 17.75 ? 1    MET A SD  1 
ATOM   8   C CE  . MET A 1 1  ? -3.508  -7.656  7.153   1.00 20.67 ? 1    MET A CE  1 
ATOM   9   N N   . SER A 1 2  ? -5.019  -14.134 6.787   1.00 18.06 ? 2    SER A N   1 
ATOM   10  C CA  . SER A 1 2  ? -4.695  -15.294 5.967   1.00 17.88 ? 2    SER A CA  1 
ATOM   11  C C   . SER A 1 2  ? -3.723  -14.875 4.872   1.00 18.15 ? 2    SER A C   1 
ATOM   12  O O   . SER A 1 2  ? -3.707  -13.715 4.460   1.00 17.61 ? 2    SER A O   1 
ATOM   13  C CB  . SER A 1 2  ? -5.961  -15.877 5.331   1.00 17.40 ? 2    SER A CB  1 
ATOM   14  O OG  . SER A 1 2  ? -6.444  -15.050 4.289   1.00 18.29 ? 2    SER A OG  1 
ATOM   15  N N   . SER A 1 3  ? -2.911  -15.820 4.411   1.00 18.24 ? 3    SER A N   1 
ATOM   16  C CA  . SER A 1 3  ? -1.938  -15.550 3.358   1.00 17.76 ? 3    SER A CA  1 
ATOM   17  C C   . SER A 1 3  ? -2.621  -14.984 2.122   1.00 16.23 ? 3    SER A C   1 
ATOM   18  O O   . SER A 1 3  ? -2.137  -14.032 1.513   1.00 15.49 ? 3    SER A O   1 
ATOM   19  C CB  . SER A 1 3  ? -1.204  -16.836 2.974   1.00 19.97 ? 3    SER A CB  1 
ATOM   20  O OG  . SER A 1 3  ? -0.489  -17.364 4.075   1.00 27.33 ? 3    SER A OG  1 
ATOM   21  N N   . GLU A 1 4  ? -3.750  -15.581 1.756   1.00 15.15 ? 4    GLU A N   1 
ATOM   22  C CA  . GLU A 1 4  ? -4.501  -15.149 0.591   1.00 13.82 ? 4    GLU A CA  1 
ATOM   23  C C   . GLU A 1 4  ? -5.011  -13.718 0.777   1.00 11.47 ? 4    GLU A C   1 
ATOM   24  O O   . GLU A 1 4  ? -4.917  -12.899 -0.134  1.00 11.67 ? 4    GLU A O   1 
ATOM   25  C CB  . GLU A 1 4  ? -5.668  -16.111 0.347   1.00 15.83 ? 4    GLU A CB  1 
ATOM   26  C CG  . GLU A 1 4  ? -6.323  -15.997 -1.018  1.00 19.67 ? 4    GLU A CG  1 
ATOM   27  C CD  . GLU A 1 4  ? -5.333  -16.129 -2.166  1.00 16.09 ? 4    GLU A CD  1 
ATOM   28  O OE1 . GLU A 1 4  ? -4.512  -17.070 -2.160  1.00 21.33 ? 4    GLU A OE1 1 
ATOM   29  O OE2 . GLU A 1 4  ? -5.381  -15.290 -3.080  1.00 17.36 ? 4    GLU A OE2 1 
ATOM   30  N N   . TYR A 1 5  ? -5.540  -13.406 1.957   1.00 10.06 ? 5    TYR A N   1 
ATOM   31  C CA  . TYR A 1 5  ? -6.035  -12.053 2.183   1.00 11.69 ? 5    TYR A CA  1 
ATOM   32  C C   . TYR A 1 5  ? -4.893  -11.040 2.112   1.00 11.55 ? 5    TYR A C   1 
ATOM   33  O O   . TYR A 1 5  ? -5.018  -9.994  1.471   1.00 11.78 ? 5    TYR A O   1 
ATOM   34  C CB  . TYR A 1 5  ? -6.724  -11.926 3.542   1.00 11.19 ? 5    TYR A CB  1 
ATOM   35  C CG  . TYR A 1 5  ? -7.564  -10.672 3.656   1.00 10.97 ? 5    TYR A CG  1 
ATOM   36  C CD1 . TYR A 1 5  ? -8.905  -10.671 3.269   1.00 10.11 ? 5    TYR A CD1 1 
ATOM   37  C CD2 . TYR A 1 5  ? -7.012  -9.473  4.109   1.00 9.37  ? 5    TYR A CD2 1 
ATOM   38  C CE1 . TYR A 1 5  ? -9.675  -9.513  3.331   1.00 10.19 ? 5    TYR A CE1 1 
ATOM   39  C CE2 . TYR A 1 5  ? -7.775  -8.308  4.171   1.00 9.30  ? 5    TYR A CE2 1 
ATOM   40  C CZ  . TYR A 1 5  ? -9.101  -8.333  3.784   1.00 9.92  ? 5    TYR A CZ  1 
ATOM   41  O OH  . TYR A 1 5  ? -9.858  -7.185  3.854   1.00 10.89 ? 5    TYR A OH  1 
ATOM   42  N N   . ALA A 1 6  ? -3.786  -11.351 2.779   1.00 11.55 ? 6    ALA A N   1 
ATOM   43  C CA  . ALA A 1 6  ? -2.623  -10.467 2.796   1.00 10.61 ? 6    ALA A CA  1 
ATOM   44  C C   . ALA A 1 6  ? -2.087  -10.260 1.383   1.00 10.88 ? 6    ALA A C   1 
ATOM   45  O O   . ALA A 1 6  ? -1.721  -9.154  1.002   1.00 9.25  ? 6    ALA A O   1 
ATOM   46  C CB  . ALA A 1 6  ? -1.534  -11.051 3.688   1.00 12.70 ? 6    ALA A CB  1 
ATOM   47  N N   . LYS A 1 7  ? -2.050  -11.342 0.613   1.00 11.38 ? 7    LYS A N   1 
ATOM   48  C CA  . LYS A 1 7  ? -1.565  -11.292 -0.759  1.00 11.05 ? 7    LYS A CA  1 
ATOM   49  C C   . LYS A 1 7  ? -2.463  -10.420 -1.630  1.00 10.97 ? 7    LYS A C   1 
ATOM   50  O O   . LYS A 1 7  ? -1.977  -9.609  -2.417  1.00 11.56 ? 7    LYS A O   1 
ATOM   51  C CB  . LYS A 1 7  ? -1.491  -12.709 -1.335  1.00 12.90 ? 7    LYS A CB  1 
ATOM   52  N N   . GLN A 1 8  ? -3.774  -10.585 -1.486  1.00 8.68  ? 8    GLN A N   1 
ATOM   53  C CA  . GLN A 1 8  ? -4.730  -9.814  -2.273  1.00 9.81  ? 8    GLN A CA  1 
ATOM   54  C C   . GLN A 1 8  ? -4.766  -8.343  -1.880  1.00 8.02  ? 8    GLN A C   1 
ATOM   55  O O   . GLN A 1 8  ? -4.927  -7.466  -2.737  1.00 9.15  ? 8    GLN A O   1 
ATOM   56  C CB  . GLN A 1 8  ? -6.125  -10.433 -2.157  1.00 10.28 ? 8    GLN A CB  1 
ATOM   57  C CG  . GLN A 1 8  ? -6.269  -11.721 -2.950  1.00 10.12 ? 8    GLN A CG  1 
ATOM   58  C CD  . GLN A 1 8  ? -7.651  -12.329 -2.844  1.00 9.94  ? 8    GLN A CD  1 
ATOM   59  O OE1 . GLN A 1 8  ? -8.658  -11.620 -2.875  1.00 14.02 ? 8    GLN A OE1 1 
ATOM   60  N NE2 . GLN A 1 8  ? -7.708  -13.652 -2.731  1.00 11.47 ? 8    GLN A NE2 1 
ATOM   61  N N   . LEU A 1 9  ? -4.620  -8.071  -0.585  1.00 8.55  ? 9    LEU A N   1 
ATOM   62  C CA  . LEU A 1 9  ? -4.614  -6.697  -0.091  1.00 8.99  ? 9    LEU A CA  1 
ATOM   63  C C   . LEU A 1 9  ? -3.374  -6.005  -0.654  1.00 9.19  ? 9    LEU A C   1 
ATOM   64  O O   . LEU A 1 9  ? -3.435  -4.859  -1.109  1.00 9.39  ? 9    LEU A O   1 
ATOM   65  C CB  . LEU A 1 9  ? -4.577  -6.683  1.442   1.00 11.26 ? 9    LEU A CB  1 
ATOM   66  C CG  . LEU A 1 9  ? -4.381  -5.330  2.139   1.00 9.76  ? 9    LEU A CG  1 
ATOM   67  C CD1 . LEU A 1 9  ? -5.549  -4.399  1.818   1.00 12.98 ? 9    LEU A CD1 1 
ATOM   68  C CD2 . LEU A 1 9  ? -4.265  -5.544  3.641   1.00 12.78 ? 9    LEU A CD2 1 
ATOM   69  N N   . GLY A 1 10 ? -2.251  -6.717  -0.632  1.00 10.44 ? 10   GLY A N   1 
ATOM   70  C CA  . GLY A 1 10 ? -1.013  -6.166  -1.147  1.00 10.61 ? 10   GLY A CA  1 
ATOM   71  C C   . GLY A 1 10 ? -1.103  -5.875  -2.631  1.00 10.20 ? 10   GLY A C   1 
ATOM   72  O O   . GLY A 1 10 ? -0.569  -4.875  -3.107  1.00 8.95  ? 10   GLY A O   1 
ATOM   73  N N   . ALA A 1 11 ? -1.787  -6.752  -3.361  1.00 10.46 ? 11   ALA A N   1 
ATOM   74  C CA  . ALA A 1 11 ? -1.956  -6.592  -4.799  1.00 11.90 ? 11   ALA A CA  1 
ATOM   75  C C   . ALA A 1 11 ? -2.752  -5.330  -5.120  1.00 11.28 ? 11   ALA A C   1 
ATOM   76  O O   . ALA A 1 11 ? -2.433  -4.618  -6.071  1.00 11.37 ? 11   ALA A O   1 
ATOM   77  C CB  . ALA A 1 11 ? -2.649  -7.821  -5.385  1.00 9.21  ? 11   ALA A CB  1 
ATOM   78  N N   . LYS A 1 12 ? -3.787  -5.050  -4.331  1.00 10.13 ? 12   LYS A N   1 
ATOM   79  C CA  . LYS A 1 12 ? -4.581  -3.852  -4.563  1.00 10.09 ? 12   LYS A CA  1 
ATOM   80  C C   . LYS A 1 12 ? -3.774  -2.611  -4.201  1.00 10.03 ? 12   LYS A C   1 
ATOM   81  O O   . LYS A 1 12 ? -3.901  -1.574  -4.849  1.00 10.71 ? 12   LYS A O   1 
ATOM   82  C CB  . LYS A 1 12 ? -5.894  -3.907  -3.773  1.00 13.24 ? 12   LYS A CB  1 
ATOM   83  C CG  . LYS A 1 12 ? -6.856  -4.949  -4.331  1.00 14.87 ? 12   LYS A CG  1 
ATOM   84  C CD  . LYS A 1 12 ? -8.304  -4.669  -3.967  1.00 18.22 ? 12   LYS A CD  1 
ATOM   85  C CE  . LYS A 1 12 ? -9.228  -5.614  -4.725  1.00 20.22 ? 12   LYS A CE  1 
ATOM   86  N NZ  . LYS A 1 12 ? -10.665 -5.441  -4.365  1.00 19.53 ? 12   LYS A NZ  1 
ATOM   87  N N   . LEU A 1 13 ? -2.938  -2.716  -3.172  1.00 8.95  ? 13   LEU A N   1 
ATOM   88  C CA  . LEU A 1 13 ? -2.095  -1.589  -2.780  1.00 8.34  ? 13   LEU A CA  1 
ATOM   89  C C   . LEU A 1 13 ? -1.130  -1.284  -3.925  1.00 7.90  ? 13   LEU A C   1 
ATOM   90  O O   . LEU A 1 13 ? -0.875  -0.120  -4.246  1.00 8.78  ? 13   LEU A O   1 
ATOM   91  C CB  . LEU A 1 13 ? -1.304  -1.927  -1.509  1.00 7.91  ? 13   LEU A CB  1 
ATOM   92  C CG  . LEU A 1 13 ? -2.033  -1.670  -0.185  1.00 8.60  ? 13   LEU A CG  1 
ATOM   93  C CD1 . LEU A 1 13 ? -1.277  -2.318  0.968   1.00 7.80  ? 13   LEU A CD1 1 
ATOM   94  C CD2 . LEU A 1 13 ? -2.158  -0.174  0.037   1.00 9.24  ? 13   LEU A CD2 1 
ATOM   95  N N   . ARG A 1 14 ? -0.595  -2.336  -4.540  1.00 8.71  ? 14   ARG A N   1 
ATOM   96  C CA  . ARG A 1 14 ? 0.335   -2.168  -5.655  1.00 9.49  ? 14   ARG A CA  1 
ATOM   97  C C   . ARG A 1 14 ? -0.388  -1.587  -6.873  1.00 11.35 ? 14   ARG A C   1 
ATOM   98  O O   . ARG A 1 14 ? 0.118   -0.678  -7.534  1.00 10.90 ? 14   ARG A O   1 
ATOM   99  C CB  . ARG A 1 14 ? 0.989   -3.510  -6.025  1.00 10.80 ? 14   ARG A CB  1 
ATOM   100 C CG  . ARG A 1 14 ? 1.996   -3.397  -7.173  1.00 13.29 ? 14   ARG A CG  1 
ATOM   101 C CD  . ARG A 1 14 ? 2.509   -4.746  -7.672  1.00 19.08 ? 14   ARG A CD  1 
ATOM   102 N NE  . ARG A 1 14 ? 3.461   -5.389  -6.766  1.00 24.61 ? 14   ARG A NE  1 
ATOM   103 C CZ  . ARG A 1 14 ? 3.129   -6.203  -5.768  1.00 27.55 ? 14   ARG A CZ  1 
ATOM   104 N NH1 . ARG A 1 14 ? 1.854   -6.486  -5.530  1.00 28.89 ? 14   ARG A NH1 1 
ATOM   105 N NH2 . ARG A 1 14 ? 4.078   -6.750  -5.014  1.00 27.29 ? 14   ARG A NH2 1 
ATOM   106 N N   . ALA A 1 15 ? -1.577  -2.106  -7.164  1.00 12.57 ? 15   ALA A N   1 
ATOM   107 C CA  . ALA A 1 15 ? -2.351  -1.628  -8.303  1.00 12.92 ? 15   ALA A CA  1 
ATOM   108 C C   . ALA A 1 15 ? -2.659  -0.139  -8.179  1.00 12.89 ? 15   ALA A C   1 
ATOM   109 O O   . ALA A 1 15 ? -2.409  0.629   -9.103  1.00 14.05 ? 15   ALA A O   1 
ATOM   110 C CB  . ALA A 1 15 ? -3.648  -2.426  -8.429  1.00 14.20 ? 15   ALA A CB  1 
ATOM   111 N N   . ILE A 1 16 ? -3.192  0.274   -7.033  1.00 12.63 ? 16   ILE A N   1 
ATOM   112 C CA  . ILE A 1 16 ? -3.523  1.680   -6.820  1.00 11.83 ? 16   ILE A CA  1 
ATOM   113 C C   . ILE A 1 16 ? -2.293  2.583   -6.935  1.00 11.78 ? 16   ILE A C   1 
ATOM   114 O O   . ILE A 1 16 ? -2.370  3.671   -7.508  1.00 11.11 ? 16   ILE A O   1 
ATOM   115 C CB  . ILE A 1 16 ? -4.216  1.885   -5.449  1.00 12.87 ? 16   ILE A CB  1 
ATOM   116 C CG1 . ILE A 1 16 ? -5.702  1.534   -5.566  1.00 16.45 ? 16   ILE A CG1 1 
ATOM   117 C CG2 . ILE A 1 16 ? -4.063  3.325   -4.981  1.00 13.35 ? 16   ILE A CG2 1 
ATOM   118 C CD1 . ILE A 1 16 ? -5.975  0.119   -6.036  1.00 18.75 ? 16   ILE A CD1 1 
ATOM   119 N N   . ARG A 1 17 ? -1.164  2.135   -6.395  1.00 9.89  ? 17   ARG A N   1 
ATOM   120 C CA  . ARG A 1 17 ? 0.067   2.916   -6.471  1.00 10.85 ? 17   ARG A CA  1 
ATOM   121 C C   . ARG A 1 17 ? 0.483   3.136   -7.922  1.00 11.40 ? 17   ARG A C   1 
ATOM   122 O O   . ARG A 1 17 ? 0.668   4.270   -8.357  1.00 12.21 ? 17   ARG A O   1 
ATOM   123 C CB  . ARG A 1 17 ? 1.209   2.206   -5.743  1.00 8.22  ? 17   ARG A CB  1 
ATOM   124 C CG  . ARG A 1 17 ? 2.575   2.820   -6.023  1.00 9.46  ? 17   ARG A CG  1 
ATOM   125 C CD  . ARG A 1 17 ? 3.670   2.175   -5.191  1.00 8.43  ? 17   ARG A CD  1 
ATOM   126 N NE  . ARG A 1 17 ? 3.905   0.768   -5.520  1.00 8.65  ? 17   ARG A NE  1 
ATOM   127 C CZ  . ARG A 1 17 ? 4.477   0.336   -6.641  1.00 11.07 ? 17   ARG A CZ  1 
ATOM   128 N NH1 . ARG A 1 17 ? 4.878   1.196   -7.573  1.00 9.15  ? 17   ARG A NH1 1 
ATOM   129 N NH2 . ARG A 1 17 ? 4.681   -0.964  -6.816  1.00 8.28  ? 17   ARG A NH2 1 
ATOM   130 N N   . THR A 1 18 ? 0.637   2.037   -8.656  1.00 13.61 ? 18   THR A N   1 
ATOM   131 C CA  . THR A 1 18 ? 1.048   2.092   -10.055 1.00 14.36 ? 18   THR A CA  1 
ATOM   132 C C   . THR A 1 18 ? 0.034   2.835   -10.916 1.00 17.59 ? 18   THR A C   1 
ATOM   133 O O   . THR A 1 18 ? 0.407   3.566   -11.835 1.00 16.98 ? 18   THR A O   1 
ATOM   134 C CB  . THR A 1 18 ? 1.250   0.675   -10.631 1.00 15.53 ? 18   THR A CB  1 
ATOM   135 O OG1 . THR A 1 18 ? 0.048   -0.089  -10.465 1.00 17.53 ? 18   THR A OG1 1 
ATOM   136 C CG2 . THR A 1 18 ? 2.400   -0.032  -9.920  1.00 15.12 ? 18   THR A CG2 1 
ATOM   137 N N   . GLN A 1 19 ? -1.247  2.654   -10.610 1.00 19.26 ? 19   GLN A N   1 
ATOM   138 C CA  . GLN A 1 19 ? -2.313  3.305   -11.365 1.00 21.50 ? 19   GLN A CA  1 
ATOM   139 C C   . GLN A 1 19 ? -2.173  4.818   -11.438 1.00 20.86 ? 19   GLN A C   1 
ATOM   140 O O   . GLN A 1 19 ? -2.564  5.431   -12.432 1.00 22.64 ? 19   GLN A O   1 
ATOM   141 C CB  . GLN A 1 19 ? -3.676  2.947   -10.774 1.00 22.59 ? 19   GLN A CB  1 
ATOM   142 C CG  . GLN A 1 19 ? -4.251  1.656   -11.316 1.00 25.97 ? 19   GLN A CG  1 
ATOM   143 C CD  . GLN A 1 19 ? -5.578  1.303   -10.683 1.00 26.27 ? 19   GLN A CD  1 
ATOM   144 O OE1 . GLN A 1 19 ? -6.418  2.173   -10.450 1.00 27.87 ? 19   GLN A OE1 1 
ATOM   145 N NE2 . GLN A 1 19 ? -5.781  0.020   -10.412 1.00 28.90 ? 19   GLN A NE2 1 
ATOM   146 N N   . GLN A 1 20 ? -1.629  5.426   -10.392 1.00 19.17 ? 20   GLN A N   1 
ATOM   147 C CA  . GLN A 1 20 ? -1.454  6.868   -10.400 1.00 20.47 ? 20   GLN A CA  1 
ATOM   148 C C   . GLN A 1 20 ? -0.026  7.269   -10.752 1.00 17.60 ? 20   GLN A C   1 
ATOM   149 O O   . GLN A 1 20 ? 0.431   8.360   -10.412 1.00 19.10 ? 20   GLN A O   1 
ATOM   150 C CB  . GLN A 1 20 ? -1.871  7.468   -9.059  1.00 22.28 ? 20   GLN A CB  1 
ATOM   151 C CG  . GLN A 1 20 ? -1.087  6.988   -7.863  1.00 24.56 ? 20   GLN A CG  1 
ATOM   152 C CD  . GLN A 1 20 ? -1.753  7.393   -6.569  1.00 26.88 ? 20   GLN A CD  1 
ATOM   153 O OE1 . GLN A 1 20 ? -2.806  6.865   -6.208  1.00 28.93 ? 20   GLN A OE1 1 
ATOM   154 N NE2 . GLN A 1 20 ? -1.153  8.345   -5.868  1.00 27.47 ? 20   GLN A NE2 1 
ATOM   155 N N   . GLY A 1 21 ? 0.671   6.360   -11.429 1.00 17.28 ? 21   GLY A N   1 
ATOM   156 C CA  . GLY A 1 21 ? 2.028   6.614   -11.886 1.00 14.68 ? 21   GLY A CA  1 
ATOM   157 C C   . GLY A 1 21 ? 3.160   6.758   -10.886 1.00 14.89 ? 21   GLY A C   1 
ATOM   158 O O   . GLY A 1 21 ? 4.156   7.418   -11.179 1.00 14.19 ? 21   GLY A O   1 
ATOM   159 N N   . LEU A 1 22 ? 3.029   6.142   -9.718  1.00 11.50 ? 22   LEU A N   1 
ATOM   160 C CA  . LEU A 1 22 ? 4.075   6.227   -8.707  1.00 10.90 ? 22   LEU A CA  1 
ATOM   161 C C   . LEU A 1 22 ? 4.860   4.924   -8.582  1.00 10.01 ? 22   LEU A C   1 
ATOM   162 O O   . LEU A 1 22 ? 4.280   3.842   -8.563  1.00 9.99  ? 22   LEU A O   1 
ATOM   163 C CB  . LEU A 1 22 ? 3.465   6.560   -7.340  1.00 10.88 ? 22   LEU A CB  1 
ATOM   164 C CG  . LEU A 1 22 ? 2.850   7.943   -7.127  1.00 10.33 ? 22   LEU A CG  1 
ATOM   165 C CD1 . LEU A 1 22 ? 2.216   8.009   -5.743  1.00 14.47 ? 22   LEU A CD1 1 
ATOM   166 C CD2 . LEU A 1 22 ? 3.924   9.011   -7.272  1.00 12.80 ? 22   LEU A CD2 1 
ATOM   167 N N   . SER A 1 23 ? 6.184   5.039   -8.521  1.00 9.07  ? 23   SER A N   1 
ATOM   168 C CA  . SER A 1 23 ? 7.043   3.878   -8.330  1.00 8.17  ? 23   SER A CA  1 
ATOM   169 C C   . SER A 1 23 ? 7.206   3.828   -6.813  1.00 9.18  ? 23   SER A C   1 
ATOM   170 O O   . SER A 1 23 ? 6.757   4.742   -6.120  1.00 8.20  ? 23   SER A O   1 
ATOM   171 C CB  . SER A 1 23 ? 8.412   4.104   -8.980  1.00 7.88  ? 23   SER A CB  1 
ATOM   172 O OG  . SER A 1 23 ? 9.072   5.218   -8.396  1.00 9.79  ? 23   SER A OG  1 
ATOM   173 N N   . LEU A 1 24 ? 7.836   2.782   -6.285  1.00 8.10  ? 24   LEU A N   1 
ATOM   174 C CA  . LEU A 1 24 ? 8.030   2.723   -4.841  1.00 9.27  ? 24   LEU A CA  1 
ATOM   175 C C   . LEU A 1 24 ? 8.902   3.904   -4.412  1.00 7.08  ? 24   LEU A C   1 
ATOM   176 O O   . LEU A 1 24 ? 8.692   4.489   -3.347  1.00 6.73  ? 24   LEU A O   1 
ATOM   177 C CB  . LEU A 1 24 ? 8.676   1.392   -4.438  1.00 9.43  ? 24   LEU A CB  1 
ATOM   178 C CG  . LEU A 1 24 ? 7.735   0.184   -4.529  1.00 8.79  ? 24   LEU A CG  1 
ATOM   179 C CD1 . LEU A 1 24 ? 8.510   -1.098  -4.253  1.00 7.60  ? 24   LEU A CD1 1 
ATOM   180 C CD2 . LEU A 1 24 ? 6.587   0.348   -3.532  1.00 9.23  ? 24   LEU A CD2 1 
ATOM   181 N N   . HIS A 1 25 ? 9.876   4.258   -5.247  1.00 8.64  ? 25   HIS A N   1 
ATOM   182 C CA  . HIS A 1 25 ? 10.750  5.390   -4.947  1.00 8.35  ? 25   HIS A CA  1 
ATOM   183 C C   . HIS A 1 25 ? 9.888   6.653   -4.931  1.00 9.20  ? 25   HIS A C   1 
ATOM   184 O O   . HIS A 1 25 ? 10.038  7.517   -4.064  1.00 6.81  ? 25   HIS A O   1 
ATOM   185 C CB  . HIS A 1 25 ? 11.837  5.525   -6.023  1.00 11.18 ? 25   HIS A CB  1 
ATOM   186 C CG  . HIS A 1 25 ? 12.805  6.639   -5.770  1.00 12.17 ? 25   HIS A CG  1 
ATOM   187 N ND1 . HIS A 1 25 ? 13.532  7.235   -6.778  1.00 15.81 ? 25   HIS A ND1 1 
ATOM   188 C CD2 . HIS A 1 25 ? 13.181  7.254   -4.624  1.00 13.28 ? 25   HIS A CD2 1 
ATOM   189 C CE1 . HIS A 1 25 ? 14.311  8.169   -6.266  1.00 15.04 ? 25   HIS A CE1 1 
ATOM   190 N NE2 . HIS A 1 25 ? 14.118  8.201   -4.960  1.00 14.40 ? 25   HIS A NE2 1 
ATOM   191 N N   . GLY A 1 26 ? 8.981   6.746   -5.901  1.00 7.76  ? 26   GLY A N   1 
ATOM   192 C CA  . GLY A 1 26 ? 8.099   7.898   -5.990  1.00 9.32  ? 26   GLY A CA  1 
ATOM   193 C C   . GLY A 1 26 ? 7.269   8.084   -4.734  1.00 9.43  ? 26   GLY A C   1 
ATOM   194 O O   . GLY A 1 26 ? 7.027   9.214   -4.301  1.00 8.71  ? 26   GLY A O   1 
ATOM   195 N N   . VAL A 1 27 ? 6.827   6.972   -4.154  1.00 9.66  ? 27   VAL A N   1 
ATOM   196 C CA  . VAL A 1 27 ? 6.030   7.015   -2.933  1.00 9.18  ? 27   VAL A CA  1 
ATOM   197 C C   . VAL A 1 27 ? 6.869   7.565   -1.787  1.00 9.63  ? 27   VAL A C   1 
ATOM   198 O O   . VAL A 1 27 ? 6.407   8.403   -1.021  1.00 9.75  ? 27   VAL A O   1 
ATOM   199 C CB  . VAL A 1 27 ? 5.503   5.610   -2.555  1.00 9.72  ? 27   VAL A CB  1 
ATOM   200 C CG1 . VAL A 1 27 ? 4.933   5.620   -1.139  1.00 8.86  ? 27   VAL A CG1 1 
ATOM   201 C CG2 . VAL A 1 27 ? 4.418   5.185   -3.536  1.00 8.43  ? 27   VAL A CG2 1 
ATOM   202 N N   . GLU A 1 28 ? 8.109   7.094   -1.678  1.00 9.94  ? 28   GLU A N   1 
ATOM   203 C CA  . GLU A 1 28 ? 9.004   7.557   -0.623  1.00 7.68  ? 28   GLU A CA  1 
ATOM   204 C C   . GLU A 1 28 ? 9.270   9.051   -0.773  1.00 10.02 ? 28   GLU A C   1 
ATOM   205 O O   . GLU A 1 28 ? 9.361   9.778   0.217   1.00 9.96  ? 28   GLU A O   1 
ATOM   206 C CB  . GLU A 1 28 ? 10.328  6.783   -0.668  1.00 7.57  ? 28   GLU A CB  1 
ATOM   207 C CG  . GLU A 1 28 ? 11.225  7.020   0.543   1.00 10.65 ? 28   GLU A CG  1 
ATOM   208 C CD  . GLU A 1 28 ? 12.384  6.047   0.617   1.00 13.90 ? 28   GLU A CD  1 
ATOM   209 O OE1 . GLU A 1 28 ? 12.138  4.823   0.559   1.00 12.21 ? 28   GLU A OE1 1 
ATOM   210 O OE2 . GLU A 1 28 ? 13.543  6.502   0.736   1.00 17.07 ? 28   GLU A OE2 1 
ATOM   211 N N   . GLU A 1 29 ? 9.395   9.509   -2.014  1.00 11.27 ? 29   GLU A N   1 
ATOM   212 C CA  . GLU A 1 29 ? 9.649   10.921  -2.266  1.00 11.34 ? 29   GLU A CA  1 
ATOM   213 C C   . GLU A 1 29 ? 8.423   11.768  -1.963  1.00 12.22 ? 29   GLU A C   1 
ATOM   214 O O   . GLU A 1 29 ? 8.509   12.746  -1.225  1.00 13.39 ? 29   GLU A O   1 
ATOM   215 C CB  . GLU A 1 29 ? 10.074  11.142  -3.719  1.00 13.04 ? 29   GLU A CB  1 
ATOM   216 C CG  . GLU A 1 29 ? 11.421  10.542  -4.064  1.00 15.20 ? 29   GLU A CG  1 
ATOM   217 C CD  . GLU A 1 29 ? 11.769  10.701  -5.530  1.00 17.35 ? 29   GLU A CD  1 
ATOM   218 O OE1 . GLU A 1 29 ? 11.000  10.201  -6.382  1.00 21.76 ? 29   GLU A OE1 1 
ATOM   219 O OE2 . GLU A 1 29 ? 12.809  11.321  -5.829  1.00 19.77 ? 29   GLU A OE2 1 
ATOM   220 N N   . LYS A 1 30 ? 7.281   11.386  -2.524  1.00 12.47 ? 30   LYS A N   1 
ATOM   221 C CA  . LYS A 1 30 ? 6.052   12.143  -2.310  1.00 13.80 ? 30   LYS A CA  1 
ATOM   222 C C   . LYS A 1 30 ? 5.646   12.204  -0.840  1.00 14.31 ? 30   LYS A C   1 
ATOM   223 O O   . LYS A 1 30 ? 5.087   13.209  -0.389  1.00 15.07 ? 30   LYS A O   1 
ATOM   224 C CB  . LYS A 1 30 ? 4.902   11.555  -3.141  1.00 13.46 ? 30   LYS A CB  1 
ATOM   225 C CG  . LYS A 1 30 ? 3.631   12.397  -3.092  1.00 14.06 ? 30   LYS A CG  1 
ATOM   226 C CD  . LYS A 1 30 ? 2.564   11.897  -4.050  1.00 17.04 ? 30   LYS A CD  1 
ATOM   227 C CE  . LYS A 1 30 ? 1.385   12.865  -4.091  1.00 15.26 ? 30   LYS A CE  1 
ATOM   228 N NZ  . LYS A 1 30 ? 0.344   12.448  -5.070  1.00 18.53 ? 30   LYS A NZ  1 
ATOM   229 N N   . SER A 1 31 ? 5.944   11.145  -0.091  1.00 15.12 ? 31   SER A N   1 
ATOM   230 C CA  . SER A 1 31 ? 5.592   11.088  1.325   1.00 14.62 ? 31   SER A CA  1 
ATOM   231 C C   . SER A 1 31 ? 6.678   11.667  2.225   1.00 14.91 ? 31   SER A C   1 
ATOM   232 O O   . SER A 1 31 ? 6.625   11.519  3.443   1.00 14.85 ? 31   SER A O   1 
ATOM   233 C CB  . SER A 1 31 ? 5.309   9.645   1.749   1.00 12.52 ? 31   SER A CB  1 
ATOM   234 O OG  . SER A 1 31 ? 6.495   8.871   1.744   1.00 12.16 ? 31   SER A OG  1 
ATOM   235 N N   . GLN A 1 32 ? 7.663   12.324  1.622   1.00 15.09 ? 32   GLN A N   1 
ATOM   236 C CA  . GLN A 1 32 ? 8.750   12.926  2.385   1.00 16.45 ? 32   GLN A CA  1 
ATOM   237 C C   . GLN A 1 32 ? 9.437   11.871  3.255   1.00 14.65 ? 32   GLN A C   1 
ATOM   238 O O   . GLN A 1 32 ? 9.940   12.181  4.337   1.00 14.74 ? 32   GLN A O   1 
ATOM   239 C CB  . GLN A 1 32 ? 8.211   14.042  3.287   1.00 20.11 ? 32   GLN A CB  1 
ATOM   240 C CG  . GLN A 1 32 ? 7.061   14.852  2.696   1.00 26.72 ? 32   GLN A CG  1 
ATOM   241 C CD  . GLN A 1 32 ? 7.501   15.826  1.627   1.00 29.87 ? 32   GLN A CD  1 
ATOM   242 O OE1 . GLN A 1 32 ? 8.084   15.440  0.617   1.00 33.29 ? 32   GLN A OE1 1 
ATOM   243 N NE2 . GLN A 1 32 ? 7.214   17.105  1.844   1.00 33.22 ? 32   GLN A NE2 1 
ATOM   244 N N   . GLY A 1 33 ? 9.432   10.624  2.790   1.00 12.42 ? 33   GLY A N   1 
ATOM   245 C CA  . GLY A 1 33 ? 10.070  9.553   3.535   1.00 12.72 ? 33   GLY A CA  1 
ATOM   246 C C   . GLY A 1 33 ? 9.208   8.832   4.559   1.00 12.76 ? 33   GLY A C   1 
ATOM   247 O O   . GLY A 1 33 ? 9.668   7.885   5.197   1.00 11.40 ? 33   GLY A O   1 
ATOM   248 N N   . ARG A 1 34 ? 7.962   9.256   4.726   1.00 12.05 ? 34   ARG A N   1 
ATOM   249 C CA  . ARG A 1 34 ? 7.098   8.604   5.706   1.00 11.58 ? 34   ARG A CA  1 
ATOM   250 C C   . ARG A 1 34 ? 6.832   7.160   5.306   1.00 11.31 ? 34   ARG A C   1 
ATOM   251 O O   . ARG A 1 34 ? 6.853   6.262   6.147   1.00 10.84 ? 34   ARG A O   1 
ATOM   252 C CB  . ARG A 1 34 ? 5.769   9.345   5.839   1.00 10.54 ? 34   ARG A CB  1 
ATOM   253 C CG  . ARG A 1 34 ? 4.919   8.818   6.982   1.00 12.18 ? 34   ARG A CG  1 
ATOM   254 C CD  . ARG A 1 34 ? 3.587   9.533   7.067   1.00 16.07 ? 34   ARG A CD  1 
ATOM   255 N NE  . ARG A 1 34 ? 2.839   9.118   8.249   1.00 17.10 ? 34   ARG A NE  1 
ATOM   256 C CZ  . ARG A 1 34 ? 1.559   9.402   8.458   1.00 18.13 ? 34   ARG A CZ  1 
ATOM   257 N NH1 . ARG A 1 34 ? 0.879   10.099  7.559   1.00 19.03 ? 34   ARG A NH1 1 
ATOM   258 N NH2 . ARG A 1 34 ? 0.958   8.985   9.562   1.00 20.06 ? 34   ARG A NH2 1 
ATOM   259 N N   . TRP A 1 35 ? 6.590   6.949   4.017   1.00 10.06 ? 35   TRP A N   1 
ATOM   260 C CA  . TRP A 1 35 ? 6.321   5.617   3.481   1.00 9.89  ? 35   TRP A CA  1 
ATOM   261 C C   . TRP A 1 35 ? 7.547   5.158   2.693   1.00 9.84  ? 35   TRP A C   1 
ATOM   262 O O   . TRP A 1 35 ? 7.715   5.509   1.523   1.00 10.19 ? 35   TRP A O   1 
ATOM   263 C CB  . TRP A 1 35 ? 5.096   5.662   2.566   1.00 11.12 ? 35   TRP A CB  1 
ATOM   264 C CG  . TRP A 1 35 ? 3.894   6.298   3.207   1.00 12.06 ? 35   TRP A CG  1 
ATOM   265 C CD1 . TRP A 1 35 ? 3.096   7.258   2.661   1.00 13.76 ? 35   TRP A CD1 1 
ATOM   266 C CD2 . TRP A 1 35 ? 3.372   6.042   4.519   1.00 14.13 ? 35   TRP A CD2 1 
ATOM   267 N NE1 . TRP A 1 35 ? 2.113   7.623   3.548   1.00 13.84 ? 35   TRP A NE1 1 
ATOM   268 C CE2 . TRP A 1 35 ? 2.258   6.890   4.697   1.00 15.12 ? 35   TRP A CE2 1 
ATOM   269 C CE3 . TRP A 1 35 ? 3.739   5.178   5.562   1.00 15.10 ? 35   TRP A CE3 1 
ATOM   270 C CZ2 . TRP A 1 35 ? 1.505   6.904   5.879   1.00 16.79 ? 35   TRP A CZ2 1 
ATOM   271 C CZ3 . TRP A 1 35 ? 2.989   5.191   6.738   1.00 15.27 ? 35   TRP A CZ3 1 
ATOM   272 C CH2 . TRP A 1 35 ? 1.884   6.052   6.884   1.00 16.69 ? 35   TRP A CH2 1 
ATOM   273 N N   . LYS A 1 36 ? 8.400   4.378   3.349   1.00 10.06 ? 36   LYS A N   1 
ATOM   274 C CA  . LYS A 1 36 ? 9.622   3.875   2.727   1.00 8.59  ? 36   LYS A CA  1 
ATOM   275 C C   . LYS A 1 36 ? 9.339   2.820   1.663   1.00 9.05  ? 36   LYS A C   1 
ATOM   276 O O   . LYS A 1 36 ? 8.468   1.970   1.831   1.00 6.36  ? 36   LYS A O   1 
ATOM   277 C CB  . LYS A 1 36 ? 10.554  3.285   3.791   1.00 10.86 ? 36   LYS A CB  1 
ATOM   278 C CG  . LYS A 1 36 ? 11.119  4.292   4.785   1.00 15.43 ? 36   LYS A CG  1 
ATOM   279 C CD  . LYS A 1 36 ? 12.101  5.249   4.124   1.00 17.47 ? 36   LYS A CD  1 
ATOM   280 C CE  . LYS A 1 36 ? 12.880  6.054   5.164   1.00 19.88 ? 36   LYS A CE  1 
ATOM   281 N NZ  . LYS A 1 36 ? 11.986  6.835   6.063   1.00 20.51 ? 36   LYS A NZ  1 
ATOM   282 N N   . ALA A 1 37 ? 10.095  2.879   0.572   1.00 6.12  ? 37   ALA A N   1 
ATOM   283 C CA  . ALA A 1 37 ? 9.940   1.937   -0.535  1.00 8.35  ? 37   ALA A CA  1 
ATOM   284 C C   . ALA A 1 37 ? 10.022  0.476   -0.098  1.00 8.12  ? 37   ALA A C   1 
ATOM   285 O O   . ALA A 1 37 ? 9.243   -0.359  -0.553  1.00 7.69  ? 37   ALA A O   1 
ATOM   286 C CB  . ALA A 1 37 ? 10.996  2.219   -1.604  1.00 8.74  ? 37   ALA A CB  1 
ATOM   287 N N   . VAL A 1 38 ? 10.973  0.167   0.778   1.00 8.77  ? 38   VAL A N   1 
ATOM   288 C CA  . VAL A 1 38 ? 11.150  -1.204  1.252   1.00 7.96  ? 38   VAL A CA  1 
ATOM   289 C C   . VAL A 1 38 ? 9.948   -1.676  2.068   1.00 8.21  ? 38   VAL A C   1 
ATOM   290 O O   . VAL A 1 38 ? 9.522   -2.823  1.947   1.00 8.82  ? 38   VAL A O   1 
ATOM   291 C CB  . VAL A 1 38 ? 12.437  -1.328  2.109   1.00 8.88  ? 38   VAL A CB  1 
ATOM   292 C CG1 . VAL A 1 38 ? 12.527  -2.710  2.734   1.00 12.71 ? 38   VAL A CG1 1 
ATOM   293 C CG2 . VAL A 1 38 ? 13.658  -1.070  1.235   1.00 10.24 ? 38   VAL A CG2 1 
ATOM   294 N N   . VAL A 1 39 ? 9.396   -0.784  2.883   1.00 8.05  ? 39   VAL A N   1 
ATOM   295 C CA  . VAL A 1 39 ? 8.247   -1.127  3.713   1.00 8.15  ? 39   VAL A CA  1 
ATOM   296 C C   . VAL A 1 39 ? 6.986   -1.291  2.868   1.00 8.87  ? 39   VAL A C   1 
ATOM   297 O O   . VAL A 1 39 ? 6.264   -2.280  3.007   1.00 9.29  ? 39   VAL A O   1 
ATOM   298 C CB  . VAL A 1 39 ? 7.999   -0.053  4.791   1.00 8.73  ? 39   VAL A CB  1 
ATOM   299 C CG1 . VAL A 1 39 ? 6.789   -0.434  5.637   1.00 11.54 ? 39   VAL A CG1 1 
ATOM   300 C CG2 . VAL A 1 39 ? 9.234   0.095   5.667   1.00 11.24 ? 39   VAL A CG2 1 
ATOM   301 N N   . VAL A 1 40 ? 6.726   -0.329  1.986   1.00 8.96  ? 40   VAL A N   1 
ATOM   302 C CA  . VAL A 1 40 ? 5.547   -0.408  1.128   1.00 8.88  ? 40   VAL A CA  1 
ATOM   303 C C   . VAL A 1 40 ? 5.653   -1.662  0.267   1.00 9.31  ? 40   VAL A C   1 
ATOM   304 O O   . VAL A 1 40 ? 4.662   -2.353  0.040   1.00 7.60  ? 40   VAL A O   1 
ATOM   305 C CB  . VAL A 1 40 ? 5.423   0.834   0.225   1.00 10.27 ? 40   VAL A CB  1 
ATOM   306 C CG1 . VAL A 1 40 ? 4.237   0.677   -0.716  1.00 10.72 ? 40   VAL A CG1 1 
ATOM   307 C CG2 . VAL A 1 40 ? 5.239   2.079   1.090   1.00 10.53 ? 40   VAL A CG2 1 
ATOM   308 N N   . GLY A 1 41 ? 6.863   -1.961  -0.200  1.00 9.06  ? 41   GLY A N   1 
ATOM   309 C CA  . GLY A 1 41 ? 7.059   -3.158  -0.997  1.00 9.01  ? 41   GLY A CA  1 
ATOM   310 C C   . GLY A 1 41 ? 6.657   -4.394  -0.207  1.00 10.04 ? 41   GLY A C   1 
ATOM   311 O O   . GLY A 1 41 ? 5.961   -5.277  -0.721  1.00 8.17  ? 41   GLY A O   1 
ATOM   312 N N   . SER A 1 42 ? 7.082   -4.464  1.051   1.00 9.88  ? 42   SER A N   1 
ATOM   313 C CA  . SER A 1 42 ? 6.746   -5.619  1.877   1.00 9.80  ? 42   SER A CA  1 
ATOM   314 C C   . SER A 1 42 ? 5.234   -5.734  2.071   1.00 10.72 ? 42   SER A C   1 
ATOM   315 O O   . SER A 1 42 ? 4.704   -6.844  2.129   1.00 10.18 ? 42   SER A O   1 
ATOM   316 C CB  . SER A 1 42 ? 7.468   -5.559  3.232   1.00 12.56 ? 42   SER A CB  1 
ATOM   317 O OG  . SER A 1 42 ? 7.090   -4.434  3.998   1.00 14.18 ? 42   SER A OG  1 
ATOM   318 N N   . TYR A 1 43 ? 4.538   -4.600  2.154   1.00 9.35  ? 43   TYR A N   1 
ATOM   319 C CA  . TYR A 1 43 ? 3.082   -4.632  2.303   1.00 9.47  ? 43   TYR A CA  1 
ATOM   320 C C   . TYR A 1 43 ? 2.481   -5.202  1.021   1.00 8.59  ? 43   TYR A C   1 
ATOM   321 O O   . TYR A 1 43 ? 1.564   -6.023  1.059   1.00 9.51  ? 43   TYR A O   1 
ATOM   322 C CB  . TYR A 1 43 ? 2.480   -3.230  2.493   1.00 9.65  ? 43   TYR A CB  1 
ATOM   323 C CG  . TYR A 1 43 ? 2.854   -2.467  3.747   1.00 9.71  ? 43   TYR A CG  1 
ATOM   324 C CD1 . TYR A 1 43 ? 3.082   -3.121  4.960   1.00 10.26 ? 43   TYR A CD1 1 
ATOM   325 C CD2 . TYR A 1 43 ? 2.912   -1.072  3.732   1.00 11.11 ? 43   TYR A CD2 1 
ATOM   326 C CE1 . TYR A 1 43 ? 3.354   -2.398  6.129   1.00 10.18 ? 43   TYR A CE1 1 
ATOM   327 C CE2 . TYR A 1 43 ? 3.184   -0.342  4.892   1.00 8.77  ? 43   TYR A CE2 1 
ATOM   328 C CZ  . TYR A 1 43 ? 3.402   -1.012  6.085   1.00 9.16  ? 43   TYR A CZ  1 
ATOM   329 O OH  . TYR A 1 43 ? 3.676   -0.292  7.226   1.00 12.27 ? 43   TYR A OH  1 
ATOM   330 N N   . GLU A 1 44 ? 3.001   -4.750  -0.118  1.00 7.69  ? 44   GLU A N   1 
ATOM   331 C CA  . GLU A 1 44 ? 2.495   -5.185  -1.414  1.00 8.99  ? 44   GLU A CA  1 
ATOM   332 C C   . GLU A 1 44 ? 2.683   -6.673  -1.674  1.00 10.51 ? 44   GLU A C   1 
ATOM   333 O O   . GLU A 1 44 ? 1.870   -7.292  -2.361  1.00 11.39 ? 44   GLU A O   1 
ATOM   334 C CB  . GLU A 1 44 ? 3.139   -4.361  -2.537  1.00 9.02  ? 44   GLU A CB  1 
ATOM   335 C CG  . GLU A 1 44 ? 2.691   -2.903  -2.533  1.00 8.32  ? 44   GLU A CG  1 
ATOM   336 C CD  . GLU A 1 44 ? 3.302   -2.073  -3.651  1.00 8.22  ? 44   GLU A CD  1 
ATOM   337 O OE1 . GLU A 1 44 ? 4.146   -2.596  -4.411  1.00 12.22 ? 44   GLU A OE1 1 
ATOM   338 O OE2 . GLU A 1 44 ? 2.934   -0.889  -3.765  1.00 9.22  ? 44   GLU A OE2 1 
ATOM   339 N N   . ARG A 1 45 ? 3.749   -7.253  -1.127  1.00 10.85 ? 45   ARG A N   1 
ATOM   340 C CA  . ARG A 1 45 ? 3.995   -8.679  -1.317  1.00 13.38 ? 45   ARG A CA  1 
ATOM   341 C C   . ARG A 1 45 ? 3.243   -9.494  -0.269  1.00 15.08 ? 45   ARG A C   1 
ATOM   342 O O   . ARG A 1 45 ? 3.080   -10.709 -0.411  1.00 15.85 ? 45   ARG A O   1 
ATOM   343 C CB  . ARG A 1 45 ? 5.493   -8.986  -1.218  1.00 13.42 ? 45   ARG A CB  1 
ATOM   344 C CG  . ARG A 1 45 ? 6.365   -8.224  -2.202  1.00 16.62 ? 45   ARG A CG  1 
ATOM   345 C CD  . ARG A 1 45 ? 7.800   -8.729  -2.146  1.00 20.81 ? 45   ARG A CD  1 
ATOM   346 N NE  . ARG A 1 45 ? 8.336   -8.711  -0.787  1.00 22.26 ? 45   ARG A NE  1 
ATOM   347 C CZ  . ARG A 1 45 ? 8.852   -7.639  -0.193  1.00 23.33 ? 45   ARG A CZ  1 
ATOM   348 N NH1 . ARG A 1 45 ? 8.915   -6.479  -0.838  1.00 24.57 ? 45   ARG A NH1 1 
ATOM   349 N NH2 . ARG A 1 45 ? 9.301   -7.727  1.054   1.00 24.32 ? 45   ARG A NH2 1 
ATOM   350 N N   . GLY A 1 46 ? 2.779   -8.820  0.780   1.00 15.26 ? 46   GLY A N   1 
ATOM   351 C CA  . GLY A 1 46 ? 2.063   -9.503  1.843   1.00 16.73 ? 46   GLY A CA  1 
ATOM   352 C C   . GLY A 1 46 ? 3.030   -10.139 2.825   1.00 17.49 ? 46   GLY A C   1 
ATOM   353 O O   . GLY A 1 46 ? 2.666   -11.051 3.571   1.00 19.93 ? 46   GLY A O   1 
ATOM   354 N N   . ASP A 1 47 ? 4.266   -9.651  2.825   1.00 17.05 ? 47   ASP A N   1 
ATOM   355 C CA  . ASP A 1 47 ? 5.315   -10.161 3.707   1.00 17.83 ? 47   ASP A CA  1 
ATOM   356 C C   . ASP A 1 47 ? 5.321   -9.466  5.068   1.00 17.89 ? 47   ASP A C   1 
ATOM   357 O O   . ASP A 1 47 ? 5.927   -9.958  6.023   1.00 17.77 ? 47   ASP A O   1 
ATOM   358 C CB  . ASP A 1 47 ? 6.683   -9.981  3.044   1.00 20.21 ? 47   ASP A CB  1 
ATOM   359 C CG  . ASP A 1 47 ? 6.891   -10.910 1.864   1.00 23.36 ? 47   ASP A CG  1 
ATOM   360 O OD1 . ASP A 1 47 ? 7.858   -10.690 1.104   1.00 23.41 ? 47   ASP A OD1 1 
ATOM   361 O OD2 . ASP A 1 47 ? 6.101   -11.865 1.698   1.00 25.16 ? 47   ASP A OD2 1 
ATOM   362 N N   . ARG A 1 48 ? 4.653   -8.320  5.144   1.00 14.64 ? 48   ARG A N   1 
ATOM   363 C CA  . ARG A 1 48 ? 4.570   -7.547  6.381   1.00 14.06 ? 48   ARG A CA  1 
ATOM   364 C C   . ARG A 1 48 ? 3.121   -7.153  6.634   1.00 11.82 ? 48   ARG A C   1 
ATOM   365 O O   . ARG A 1 48 ? 2.418   -6.731  5.719   1.00 11.81 ? 48   ARG A O   1 
ATOM   366 C CB  . ARG A 1 48 ? 5.447   -6.299  6.269   1.00 16.66 ? 48   ARG A CB  1 
ATOM   367 C CG  . ARG A 1 48 ? 5.454   -5.408  7.499   1.00 19.85 ? 48   ARG A CG  1 
ATOM   368 C CD  . ARG A 1 48 ? 6.531   -4.346  7.363   1.00 22.54 ? 48   ARG A CD  1 
ATOM   369 N NE  . ARG A 1 48 ? 6.571   -3.429  8.497   1.00 27.61 ? 48   ARG A NE  1 
ATOM   370 C CZ  . ARG A 1 48 ? 7.504   -2.495  8.664   1.00 28.64 ? 48   ARG A CZ  1 
ATOM   371 N NH1 . ARG A 1 48 ? 8.474   -2.359  7.769   1.00 30.68 ? 48   ARG A NH1 1 
ATOM   372 N NH2 . ARG A 1 48 ? 7.466   -1.693  9.720   1.00 30.30 ? 48   ARG A NH2 1 
ATOM   373 N N   . ALA A 1 49 ? 2.677   -7.291  7.880   1.00 10.66 ? 49   ALA A N   1 
ATOM   374 C CA  . ALA A 1 49 ? 1.299   -6.965  8.240   1.00 12.02 ? 49   ALA A CA  1 
ATOM   375 C C   . ALA A 1 49 ? 0.922   -5.497  8.071   1.00 10.09 ? 49   ALA A C   1 
ATOM   376 O O   . ALA A 1 49 ? 1.635   -4.600  8.518   1.00 12.49 ? 49   ALA A O   1 
ATOM   377 C CB  . ALA A 1 49 ? 1.022   -7.400  9.675   1.00 10.80 ? 49   ALA A CB  1 
ATOM   378 N N   . VAL A 1 50 ? -0.214  -5.266  7.419   1.00 10.04 ? 50   VAL A N   1 
ATOM   379 C CA  . VAL A 1 50 ? -0.738  -3.922  7.208   1.00 8.46  ? 50   VAL A CA  1 
ATOM   380 C C   . VAL A 1 50 ? -1.876  -3.752  8.218   1.00 8.30  ? 50   VAL A C   1 
ATOM   381 O O   . VAL A 1 50 ? -2.889  -4.439  8.120   1.00 7.83  ? 50   VAL A O   1 
ATOM   382 C CB  . VAL A 1 50 ? -1.325  -3.760  5.781   1.00 9.38  ? 50   VAL A CB  1 
ATOM   383 C CG1 . VAL A 1 50 ? -2.006  -2.404  5.647   1.00 11.81 ? 50   VAL A CG1 1 
ATOM   384 C CG2 . VAL A 1 50 ? -0.226  -3.899  4.744   1.00 9.51  ? 50   VAL A CG2 1 
ATOM   385 N N   . THR A 1 51 ? -1.704  -2.861  9.191   1.00 8.93  ? 51   THR A N   1 
ATOM   386 C CA  . THR A 1 51 ? -2.740  -2.630  10.199  1.00 9.88  ? 51   THR A CA  1 
ATOM   387 C C   . THR A 1 51 ? -3.870  -1.795  9.613   1.00 8.75  ? 51   THR A C   1 
ATOM   388 O O   . THR A 1 51 ? -3.712  -1.175  8.566   1.00 7.61  ? 51   THR A O   1 
ATOM   389 C CB  . THR A 1 51 ? -2.196  -1.864  11.424  1.00 11.19 ? 51   THR A CB  1 
ATOM   390 O OG1 . THR A 1 51 ? -1.837  -0.531  11.033  1.00 10.27 ? 51   THR A OG1 1 
ATOM   391 C CG2 . THR A 1 51 ? -0.978  -2.567  11.999  1.00 11.74 ? 51   THR A CG2 1 
ATOM   392 N N   . VAL A 1 52 ? -5.014  -1.780  10.288  1.00 6.89  ? 52   VAL A N   1 
ATOM   393 C CA  . VAL A 1 52 ? -6.131  -0.981  9.803   1.00 7.03  ? 52   VAL A CA  1 
ATOM   394 C C   . VAL A 1 52 ? -5.696  0.487   9.742   1.00 7.27  ? 52   VAL A C   1 
ATOM   395 O O   . VAL A 1 52 ? -5.943  1.182   8.757   1.00 8.54  ? 52   VAL A O   1 
ATOM   396 C CB  . VAL A 1 52 ? -7.358  -1.096  10.731  1.00 8.10  ? 52   VAL A CB  1 
ATOM   397 C CG1 . VAL A 1 52 ? -8.419  -0.090  10.314  1.00 7.85  ? 52   VAL A CG1 1 
ATOM   398 C CG2 . VAL A 1 52 ? -7.930  -2.511  10.664  1.00 8.69  ? 52   VAL A CG2 1 
ATOM   399 N N   . GLN A 1 53 ? -5.040  0.954   10.799  1.00 8.77  ? 53   GLN A N   1 
ATOM   400 C CA  . GLN A 1 53 ? -4.586  2.345   10.844  1.00 9.25  ? 53   GLN A CA  1 
ATOM   401 C C   . GLN A 1 53 ? -3.667  2.659   9.663   1.00 10.09 ? 53   GLN A C   1 
ATOM   402 O O   . GLN A 1 53 ? -3.824  3.688   9.003   1.00 9.03  ? 53   GLN A O   1 
ATOM   403 C CB  . GLN A 1 53 ? -3.874  2.623   12.174  1.00 11.63 ? 53   GLN A CB  1 
ATOM   404 C CG  . GLN A 1 53 ? -3.347  4.047   12.326  1.00 12.19 ? 53   GLN A CG  1 
ATOM   405 C CD  . GLN A 1 53 ? -2.841  4.333   13.728  1.00 12.72 ? 53   GLN A CD  1 
ATOM   406 O OE1 . GLN A 1 53 ? -2.261  3.466   14.378  1.00 14.67 ? 53   GLN A OE1 1 
ATOM   407 N NE2 . GLN A 1 53 ? -3.046  5.558   14.195  1.00 16.18 ? 53   GLN A NE2 1 
ATOM   408 N N   . ARG A 1 54 ? -2.726  1.761   9.384   1.00 10.22 ? 54   ARG A N   1 
ATOM   409 C CA  . ARG A 1 54 ? -1.797  1.955   8.273   1.00 10.33 ? 54   ARG A CA  1 
ATOM   410 C C   . ARG A 1 54 ? -2.547  1.942   6.941   1.00 9.75  ? 54   ARG A C   1 
ATOM   411 O O   . ARG A 1 54 ? -2.268  2.751   6.056   1.00 8.57  ? 54   ARG A O   1 
ATOM   412 C CB  . ARG A 1 54 ? -0.731  0.852   8.266   1.00 13.04 ? 54   ARG A CB  1 
ATOM   413 C CG  . ARG A 1 54 ? 0.458   1.147   7.358   1.00 15.26 ? 54   ARG A CG  1 
ATOM   414 C CD  . ARG A 1 54 ? 1.293   2.299   7.911   1.00 19.35 ? 54   ARG A CD  1 
ATOM   415 N NE  . ARG A 1 54 ? 1.974   1.929   9.151   1.00 22.10 ? 54   ARG A NE  1 
ATOM   416 C CZ  . ARG A 1 54 ? 2.585   2.789   9.959   1.00 24.74 ? 54   ARG A CZ  1 
ATOM   417 N NH1 . ARG A 1 54 ? 2.606   4.083   9.667   1.00 26.81 ? 54   ARG A NH1 1 
ATOM   418 N NH2 . ARG A 1 54 ? 3.185   2.355   11.060  1.00 26.69 ? 54   ARG A NH2 1 
ATOM   419 N N   . LEU A 1 55 ? -3.496  1.019   6.791   1.00 9.11  ? 55   LEU A N   1 
ATOM   420 C CA  . LEU A 1 55 ? -4.262  0.948   5.548   1.00 10.16 ? 55   LEU A CA  1 
ATOM   421 C C   . LEU A 1 55 ? -5.016  2.253   5.310   1.00 8.93  ? 55   LEU A C   1 
ATOM   422 O O   . LEU A 1 55 ? -5.060  2.761   4.188   1.00 10.27 ? 55   LEU A O   1 
ATOM   423 C CB  . LEU A 1 55 ? -5.254  -0.218  5.580   1.00 8.72  ? 55   LEU A CB  1 
ATOM   424 C CG  . LEU A 1 55 ? -6.006  -0.443  4.261   1.00 10.04 ? 55   LEU A CG  1 
ATOM   425 C CD1 . LEU A 1 55 ? -5.002  -0.725  3.150   1.00 9.08  ? 55   LEU A CD1 1 
ATOM   426 C CD2 . LEU A 1 55 ? -6.984  -1.598  4.402   1.00 11.20 ? 55   LEU A CD2 1 
ATOM   427 N N   . ALA A 1 56 ? -5.612  2.793   6.369   1.00 10.33 ? 56   ALA A N   1 
ATOM   428 C CA  . ALA A 1 56 ? -6.354  4.042   6.264   1.00 11.90 ? 56   ALA A CA  1 
ATOM   429 C C   . ALA A 1 56 ? -5.422  5.190   5.882   1.00 12.51 ? 56   ALA A C   1 
ATOM   430 O O   . ALA A 1 56 ? -5.793  6.062   5.098   1.00 13.61 ? 56   ALA A O   1 
ATOM   431 C CB  . ALA A 1 56 ? -7.053  4.352   7.587   1.00 12.28 ? 56   ALA A CB  1 
ATOM   432 N N   . GLU A 1 57 ? -4.214  5.185   6.435   1.00 12.63 ? 57   GLU A N   1 
ATOM   433 C CA  . GLU A 1 57 ? -3.242  6.236   6.140   1.00 11.80 ? 57   GLU A CA  1 
ATOM   434 C C   . GLU A 1 57 ? -2.790  6.149   4.685   1.00 11.52 ? 57   GLU A C   1 
ATOM   435 O O   . GLU A 1 57 ? -2.623  7.169   4.016   1.00 11.09 ? 57   GLU A O   1 
ATOM   436 C CB  . GLU A 1 57 ? -2.036  6.122   7.083   1.00 12.52 ? 57   GLU A CB  1 
ATOM   437 C CG  . GLU A 1 57 ? -2.431  6.142   8.559   1.00 13.60 ? 57   GLU A CG  1 
ATOM   438 C CD  . GLU A 1 57 ? -1.269  5.908   9.509   1.00 16.14 ? 57   GLU A CD  1 
ATOM   439 O OE1 . GLU A 1 57 ? -0.410  5.047   9.216   1.00 17.96 ? 57   GLU A OE1 1 
ATOM   440 O OE2 . GLU A 1 57 ? -1.228  6.574   10.564  1.00 17.73 ? 57   GLU A OE2 1 
ATOM   441 N N   . LEU A 1 58 ? -2.600  4.928   4.191   1.00 11.82 ? 58   LEU A N   1 
ATOM   442 C CA  . LEU A 1 58 ? -2.176  4.735   2.809   1.00 11.99 ? 58   LEU A CA  1 
ATOM   443 C C   . LEU A 1 58 ? -3.292  5.102   1.840   1.00 12.23 ? 58   LEU A C   1 
ATOM   444 O O   . LEU A 1 58 ? -3.032  5.661   0.774   1.00 11.57 ? 58   LEU A O   1 
ATOM   445 C CB  . LEU A 1 58 ? -1.743  3.286   2.583   1.00 11.61 ? 58   LEU A CB  1 
ATOM   446 C CG  . LEU A 1 58 ? -0.456  2.896   3.315   1.00 10.12 ? 58   LEU A CG  1 
ATOM   447 C CD1 . LEU A 1 58 ? -0.212  1.400   3.164   1.00 10.52 ? 58   LEU A CD1 1 
ATOM   448 C CD2 . LEU A 1 58 ? 0.725   3.695   2.751   1.00 11.54 ? 58   LEU A CD2 1 
ATOM   449 N N   . ALA A 1 59 ? -4.532  4.792   2.209   1.00 12.29 ? 59   ALA A N   1 
ATOM   450 C CA  . ALA A 1 59 ? -5.673  5.116   1.358   1.00 12.50 ? 59   ALA A CA  1 
ATOM   451 C C   . ALA A 1 59 ? -5.729  6.623   1.158   1.00 13.46 ? 59   ALA A C   1 
ATOM   452 O O   . ALA A 1 59 ? -5.923  7.104   0.039   1.00 13.97 ? 59   ALA A O   1 
ATOM   453 C CB  . ALA A 1 59 ? -6.967  4.628   1.998   1.00 13.84 ? 59   ALA A CB  1 
ATOM   454 N N   . ASP A 1 60 ? -5.561  7.361   2.253   1.00 14.36 ? 60   ASP A N   1 
ATOM   455 C CA  . ASP A 1 60 ? -5.579  8.821   2.215   1.00 16.60 ? 60   ASP A CA  1 
ATOM   456 C C   . ASP A 1 60 ? -4.442  9.331   1.343   1.00 16.47 ? 60   ASP A C   1 
ATOM   457 O O   . ASP A 1 60 ? -4.631  10.224  0.515   1.00 15.65 ? 60   ASP A O   1 
ATOM   458 C CB  . ASP A 1 60 ? -5.436  9.383   3.631   1.00 18.83 ? 60   ASP A CB  1 
ATOM   459 C CG  . ASP A 1 60 ? -6.678  9.166   4.473   1.00 23.20 ? 60   ASP A CG  1 
ATOM   460 O OD1 . ASP A 1 60 ? -7.487  8.283   4.122   1.00 28.73 ? 60   ASP A OD1 1 
ATOM   461 O OD2 . ASP A 1 60 ? -6.842  9.870   5.490   1.00 26.88 ? 60   ASP A OD2 1 
ATOM   462 N N   . PHE A 1 61 ? -3.259  8.758   1.538   1.00 14.94 ? 61   PHE A N   1 
ATOM   463 C CA  . PHE A 1 61 ? -2.085  9.143   0.767   1.00 14.58 ? 61   PHE A CA  1 
ATOM   464 C C   . PHE A 1 61 ? -2.331  8.979   -0.729  1.00 14.62 ? 61   PHE A C   1 
ATOM   465 O O   . PHE A 1 61 ? -2.021  9.872   -1.521  1.00 14.64 ? 61   PHE A O   1 
ATOM   466 C CB  . PHE A 1 61 ? -0.882  8.296   1.181   1.00 13.48 ? 61   PHE A CB  1 
ATOM   467 C CG  . PHE A 1 61 ? 0.344   8.535   0.343   1.00 12.89 ? 61   PHE A CG  1 
ATOM   468 C CD1 . PHE A 1 61 ? 1.051   9.731   0.443   1.00 14.43 ? 61   PHE A CD1 1 
ATOM   469 C CD2 . PHE A 1 61 ? 0.776   7.575   -0.563  1.00 14.19 ? 61   PHE A CD2 1 
ATOM   470 C CE1 . PHE A 1 61 ? 2.175   9.967   -0.350  1.00 13.29 ? 61   PHE A CE1 1 
ATOM   471 C CE2 . PHE A 1 61 ? 1.898   7.798   -1.361  1.00 13.10 ? 61   PHE A CE2 1 
ATOM   472 C CZ  . PHE A 1 61 ? 2.597   8.998   -1.252  1.00 14.68 ? 61   PHE A CZ  1 
ATOM   473 N N   . TYR A 1 62 ? -2.887  7.835   -1.114  1.00 12.82 ? 62   TYR A N   1 
ATOM   474 C CA  . TYR A 1 62 ? -3.165  7.560   -2.513  1.00 13.77 ? 62   TYR A CA  1 
ATOM   475 C C   . TYR A 1 62 ? -4.408  8.278   -3.027  1.00 14.56 ? 62   TYR A C   1 
ATOM   476 O O   . TYR A 1 62 ? -4.667  8.291   -4.229  1.00 16.51 ? 62   TYR A O   1 
ATOM   477 C CB  . TYR A 1 62 ? -3.295  6.054   -2.735  1.00 11.51 ? 62   TYR A CB  1 
ATOM   478 C CG  . TYR A 1 62 ? -1.974  5.315   -2.637  1.00 10.56 ? 62   TYR A CG  1 
ATOM   479 C CD1 . TYR A 1 62 ? -0.870  5.727   -3.384  1.00 11.04 ? 62   TYR A CD1 1 
ATOM   480 C CD2 . TYR A 1 62 ? -1.831  4.201   -1.810  1.00 12.16 ? 62   TYR A CD2 1 
ATOM   481 C CE1 . TYR A 1 62 ? 0.349   5.052   -3.314  1.00 10.76 ? 62   TYR A CE1 1 
ATOM   482 C CE2 . TYR A 1 62 ? -0.612  3.514   -1.731  1.00 11.04 ? 62   TYR A CE2 1 
ATOM   483 C CZ  . TYR A 1 62 ? 0.471   3.946   -2.486  1.00 11.22 ? 62   TYR A CZ  1 
ATOM   484 O OH  . TYR A 1 62 ? 1.669   3.270   -2.418  1.00 10.04 ? 62   TYR A OH  1 
ATOM   485 N N   . GLY A 1 63 ? -5.171  8.871   -2.114  1.00 16.91 ? 63   GLY A N   1 
ATOM   486 C CA  . GLY A 1 63 ? -6.369  9.596   -2.504  1.00 18.11 ? 63   GLY A CA  1 
ATOM   487 C C   . GLY A 1 63 ? -7.528  8.714   -2.934  1.00 19.15 ? 63   GLY A C   1 
ATOM   488 O O   . GLY A 1 63 ? -8.330  9.104   -3.786  1.00 18.77 ? 63   GLY A O   1 
ATOM   489 N N   . VAL A 1 64 ? -7.623  7.524   -2.348  1.00 18.03 ? 64   VAL A N   1 
ATOM   490 C CA  . VAL A 1 64 ? -8.698  6.596   -2.679  1.00 19.44 ? 64   VAL A CA  1 
ATOM   491 C C   . VAL A 1 64 ? -9.390  6.106   -1.411  1.00 20.34 ? 64   VAL A C   1 
ATOM   492 O O   . VAL A 1 64 ? -8.810  6.134   -0.327  1.00 20.59 ? 64   VAL A O   1 
ATOM   493 C CB  . VAL A 1 64 ? -8.167  5.354   -3.432  1.00 19.66 ? 64   VAL A CB  1 
ATOM   494 C CG1 . VAL A 1 64 ? -7.432  5.778   -4.691  1.00 19.29 ? 64   VAL A CG1 1 
ATOM   495 C CG2 . VAL A 1 64 ? -7.256  4.544   -2.522  1.00 19.38 ? 64   VAL A CG2 1 
ATOM   496 N N   . PRO A 1 65 ? -10.651 5.664   -1.531  1.00 22.35 ? 65   PRO A N   1 
ATOM   497 C CA  . PRO A 1 65 ? -11.389 5.167   -0.364  1.00 21.91 ? 65   PRO A CA  1 
ATOM   498 C C   . PRO A 1 65 ? -10.782 3.835   0.076   1.00 19.83 ? 65   PRO A C   1 
ATOM   499 O O   . PRO A 1 65 ? -10.274 3.083   -0.754  1.00 19.72 ? 65   PRO A O   1 
ATOM   500 C CB  . PRO A 1 65 ? -12.808 4.992   -0.903  1.00 21.95 ? 65   PRO A CB  1 
ATOM   501 C CG  . PRO A 1 65 ? -12.885 6.004   -2.011  1.00 24.11 ? 65   PRO A CG  1 
ATOM   502 C CD  . PRO A 1 65 ? -11.551 5.824   -2.685  1.00 21.90 ? 65   PRO A CD  1 
ATOM   503 N N   . VAL A 1 66 ? -10.834 3.542   1.371   1.00 19.64 ? 66   VAL A N   1 
ATOM   504 C CA  . VAL A 1 66 ? -10.285 2.286   1.877   1.00 18.27 ? 66   VAL A CA  1 
ATOM   505 C C   . VAL A 1 66 ? -10.882 1.097   1.125   1.00 18.41 ? 66   VAL A C   1 
ATOM   506 O O   . VAL A 1 66 ? -10.189 0.126   0.832   1.00 16.81 ? 66   VAL A O   1 
ATOM   507 C CB  . VAL A 1 66 ? -10.566 2.118   3.393   1.00 19.14 ? 66   VAL A CB  1 
ATOM   508 C CG1 . VAL A 1 66 ? -12.060 2.165   3.656   1.00 20.55 ? 66   VAL A CG1 1 
ATOM   509 C CG2 . VAL A 1 66 ? -9.985  0.805   3.892   1.00 17.80 ? 66   VAL A CG2 1 
ATOM   510 N N   . GLN A 1 67 ? -12.167 1.188   0.793   1.00 19.46 ? 67   GLN A N   1 
ATOM   511 C CA  . GLN A 1 67 ? -12.852 0.113   0.083   1.00 21.41 ? 67   GLN A CA  1 
ATOM   512 C C   . GLN A 1 67 ? -12.123 -0.330  -1.188  1.00 21.24 ? 67   GLN A C   1 
ATOM   513 O O   . GLN A 1 67 ? -12.087 -1.518  -1.506  1.00 22.16 ? 67   GLN A O   1 
ATOM   514 C CB  . GLN A 1 67 ? -14.280 0.544   -0.265  1.00 23.01 ? 67   GLN A CB  1 
ATOM   515 C CG  . GLN A 1 67 ? -15.156 -0.592  -0.765  1.00 25.72 ? 67   GLN A CG  1 
ATOM   516 C CD  . GLN A 1 67 ? -15.287 -1.707  0.250   1.00 26.89 ? 67   GLN A CD  1 
ATOM   517 O OE1 . GLN A 1 67 ? -15.713 -1.483  1.384   1.00 29.12 ? 67   GLN A OE1 1 
ATOM   518 N NE2 . GLN A 1 67 ? -14.917 -2.921  -0.149  1.00 26.81 ? 67   GLN A NE2 1 
ATOM   519 N N   . GLU A 1 68 ? -11.540 0.622   -1.912  1.00 21.17 ? 68   GLU A N   1 
ATOM   520 C CA  . GLU A 1 68 ? -10.822 0.306   -3.144  1.00 21.48 ? 68   GLU A CA  1 
ATOM   521 C C   . GLU A 1 68 ? -9.612  -0.598  -2.928  1.00 20.60 ? 68   GLU A C   1 
ATOM   522 O O   . GLU A 1 68 ? -9.144  -1.255  -3.860  1.00 20.76 ? 68   GLU A O   1 
ATOM   523 C CB  . GLU A 1 68 ? -10.358 1.589   -3.841  1.00 22.92 ? 68   GLU A CB  1 
ATOM   524 C CG  . GLU A 1 68 ? -11.426 2.286   -4.664  1.00 27.36 ? 68   GLU A CG  1 
ATOM   525 C CD  . GLU A 1 68 ? -10.848 3.377   -5.548  1.00 28.61 ? 68   GLU A CD  1 
ATOM   526 O OE1 . GLU A 1 68 ? -9.886  3.088   -6.292  1.00 29.20 ? 68   GLU A OE1 1 
ATOM   527 O OE2 . GLU A 1 68 ? -11.356 4.517   -5.501  1.00 31.02 ? 68   GLU A OE2 1 
ATOM   528 N N   . LEU A 1 69 ? -9.110  -0.633  -1.698  1.00 16.74 ? 69   LEU A N   1 
ATOM   529 C CA  . LEU A 1 69 ? -7.943  -1.444  -1.376  1.00 15.89 ? 69   LEU A CA  1 
ATOM   530 C C   . LEU A 1 69 ? -8.283  -2.791  -0.739  1.00 14.75 ? 69   LEU A C   1 
ATOM   531 O O   . LEU A 1 69 ? -7.404  -3.636  -0.568  1.00 13.95 ? 69   LEU A O   1 
ATOM   532 C CB  . LEU A 1 69 ? -7.021  -0.659  -0.437  1.00 13.91 ? 69   LEU A CB  1 
ATOM   533 C CG  . LEU A 1 69 ? -6.512  0.698   -0.933  1.00 15.68 ? 69   LEU A CG  1 
ATOM   534 C CD1 . LEU A 1 69 ? -5.729  1.382   0.178   1.00 14.92 ? 69   LEU A CD1 1 
ATOM   535 C CD2 . LEU A 1 69 ? -5.638  0.507   -2.169  1.00 17.97 ? 69   LEU A CD2 1 
ATOM   536 N N   . LEU A 1 70 ? -9.552  -2.996  -0.402  1.00 12.79 ? 70   LEU A N   1 
ATOM   537 C CA  . LEU A 1 70 ? -9.978  -4.238  0.239   1.00 14.23 ? 70   LEU A CA  1 
ATOM   538 C C   . LEU A 1 70 ? -10.212 -5.395  -0.732  1.00 12.89 ? 70   LEU A C   1 
ATOM   539 O O   . LEU A 1 70 ? -10.899 -5.237  -1.742  1.00 13.68 ? 70   LEU A O   1 
ATOM   540 C CB  . LEU A 1 70 ? -11.256 -3.995  1.054   1.00 15.96 ? 70   LEU A CB  1 
ATOM   541 C CG  . LEU A 1 70 ? -11.141 -3.059  2.261   1.00 15.88 ? 70   LEU A CG  1 
ATOM   542 C CD1 . LEU A 1 70 ? -12.486 -2.955  2.957   1.00 19.60 ? 70   LEU A CD1 1 
ATOM   543 C CD2 . LEU A 1 70 ? -10.087 -3.584  3.223   1.00 17.02 ? 70   LEU A CD2 1 
ATOM   544 N N   . PRO A 1 71 ? -9.643  -6.579  -0.431  1.00 13.06 ? 71   PRO A N   1 
ATOM   545 C CA  . PRO A 1 71 ? -9.798  -7.763  -1.282  1.00 14.10 ? 71   PRO A CA  1 
ATOM   546 C C   . PRO A 1 71 ? -11.269 -8.111  -1.501  1.00 16.13 ? 71   PRO A C   1 
ATOM   547 O O   . PRO A 1 71 ? -12.091 -7.753  -0.628  1.00 14.81 ? 71   PRO A O   1 
ATOM   548 C CB  . PRO A 1 71 ? -9.077  -8.852  -0.489  1.00 12.75 ? 71   PRO A CB  1 
ATOM   549 C CG  . PRO A 1 71 ? -8.000  -8.094  0.223   1.00 13.46 ? 71   PRO A CG  1 
ATOM   550 C CD  . PRO A 1 71 ? -8.733  -6.861  0.696   1.00 13.47 ? 71   PRO A CD  1 
ATOM   551 O OXT . PRO A 1 71 ? -11.579 -8.757  -2.529  1.00 21.38 ? 71   PRO A OXT 1 
HETATM 552 S S   . SO4 B 2 .  ? 12.150  -9.065  4.018   1.00 59.72 ? 2001 SO4 A S   1 
HETATM 553 O O1  . SO4 B 2 .  ? 10.794  -8.492  4.098   1.00 59.92 ? 2001 SO4 A O1  1 
HETATM 554 O O2  . SO4 B 2 .  ? 13.131  -8.072  4.494   1.00 59.70 ? 2001 SO4 A O2  1 
HETATM 555 O O3  . SO4 B 2 .  ? 12.451  -9.417  2.617   1.00 60.14 ? 2001 SO4 A O3  1 
HETATM 556 O O4  . SO4 B 2 .  ? 12.224  -10.275 4.859   1.00 59.65 ? 2001 SO4 A O4  1 
HETATM 557 S S   . SO4 C 2 .  ? 4.296   -0.810  10.617  1.00 50.73 ? 2002 SO4 A S   1 
HETATM 558 O O1  . SO4 C 2 .  ? 4.503   -2.036  9.825   1.00 50.67 ? 2002 SO4 A O1  1 
HETATM 559 O O2  . SO4 C 2 .  ? 5.133   -0.859  11.831  1.00 51.63 ? 2002 SO4 A O2  1 
HETATM 560 O O3  . SO4 C 2 .  ? 4.679   0.366   9.811   1.00 51.90 ? 2002 SO4 A O3  1 
HETATM 561 O O4  . SO4 C 2 .  ? 2.876   -0.704  11.001  1.00 50.78 ? 2002 SO4 A O4  1 
HETATM 562 S S   . SO4 D 2 .  ? -3.596  -19.288 6.083   1.00 34.68 ? 2015 SO4 A S   1 
HETATM 563 O O1  . SO4 D 2 .  ? -2.817  -18.040 6.185   1.00 34.67 ? 2015 SO4 A O1  1 
HETATM 564 O O2  . SO4 D 2 .  ? -4.877  -19.031 5.398   1.00 34.94 ? 2015 SO4 A O2  1 
HETATM 565 O O3  . SO4 D 2 .  ? -3.861  -19.799 7.441   1.00 37.09 ? 2015 SO4 A O3  1 
HETATM 566 O O4  . SO4 D 2 .  ? -2.831  -20.293 5.325   1.00 37.51 ? 2015 SO4 A O4  1 
HETATM 567 O O   . HOH E 3 .  ? -4.424  7.583   -12.849 1.00 10.31 ? 2016 HOH A O   1 
HETATM 568 O O   . HOH E 3 .  ? -3.496  10.377  -13.277 1.00 11.42 ? 2017 HOH A O   1 
HETATM 569 O O   . HOH E 3 .  ? -0.079  13.146  -12.330 1.00 31.65 ? 2018 HOH A O   1 
HETATM 570 O O   . HOH E 3 .  ? 2.447   13.237  -13.906 1.00 18.60 ? 2019 HOH A O   1 
HETATM 571 O O   . HOH E 3 .  ? -10.148 12.028  -3.060  1.00 38.98 ? 2020 HOH A O   1 
HETATM 572 O O   . HOH E 3 .  ? -8.137  11.367  -5.064  1.00 38.12 ? 2021 HOH A O   1 
HETATM 573 O O   . HOH E 3 .  ? -7.313  12.157  1.653   1.00 43.68 ? 2022 HOH A O   1 
HETATM 574 O O   . HOH E 3 .  ? -6.205  13.697  -1.800  1.00 41.97 ? 2023 HOH A O   1 
HETATM 575 O O   . HOH E 3 .  ? -4.193  12.073  -4.816  1.00 31.12 ? 2024 HOH A O   1 
HETATM 576 O O   . HOH E 3 .  ? -1.541  14.930  -4.222  1.00 54.38 ? 2025 HOH A O   1 
HETATM 577 O O   . HOH E 3 .  ? -9.029  4.882   -8.146  1.00 26.43 ? 2026 HOH A O   1 
HETATM 578 O O   . HOH E 3 .  ? -8.698  8.100   -7.466  1.00 25.83 ? 2027 HOH A O   1 
HETATM 579 O O   . HOH E 3 .  ? -10.637 8.177   -5.492  1.00 30.58 ? 2028 HOH A O   1 
HETATM 580 O O   . HOH E 3 .  ? -3.880  -1.262  -12.772 1.00 34.63 ? 2029 HOH A O   1 
HETATM 581 O O   . HOH E 3 .  ? -1.936  -3.080  -12.444 1.00 44.14 ? 2030 HOH A O   1 
HETATM 582 O O   . HOH E 3 .  ? 0.142   -1.581  -13.895 1.00 29.31 ? 2031 HOH A O   1 
HETATM 583 O O   . HOH E 3 .  ? 13.314  5.149   -2.229  1.00 22.07 ? 2032 HOH A O   1 
HETATM 584 O O   . HOH E 3 .  ? 2.348   1.594   -14.313 1.00 8.54  ? 2033 HOH A O   1 
HETATM 585 O O   . HOH E 3 .  ? 4.364   -0.010  -13.604 1.00 26.67 ? 2034 HOH A O   1 
HETATM 586 O O   . HOH E 3 .  ? 6.255   0.570   -10.212 1.00 21.58 ? 2035 HOH A O   1 
HETATM 587 O O   . HOH E 3 .  ? 5.965   -2.078  -9.243  1.00 23.87 ? 2036 HOH A O   1 
HETATM 588 O O   . HOH E 3 .  ? 7.595   -2.857  -12.783 1.00 44.32 ? 2037 HOH A O   1 
HETATM 589 O O   . HOH E 3 .  ? -0.234  -3.527  -10.095 1.00 26.87 ? 2038 HOH A O   1 
HETATM 590 O O   . HOH E 3 .  ? -1.378  -5.593  -8.294  1.00 18.29 ? 2039 HOH A O   1 
HETATM 591 O O   . HOH E 3 .  ? 0.458   -7.783  -8.010  1.00 22.62 ? 2040 HOH A O   1 
HETATM 592 O O   . HOH E 3 .  ? -3.383  -9.512  -8.422  1.00 39.85 ? 2041 HOH A O   1 
HETATM 593 O O   . HOH E 3 .  ? -3.868  -6.810  -9.337  1.00 23.50 ? 2042 HOH A O   1 
HETATM 594 O O   . HOH E 3 .  ? -5.049  -10.557 -6.366  1.00 17.92 ? 2043 HOH A O   1 
HETATM 595 O O   . HOH E 3 .  ? -6.227  -8.235  -5.147  1.00 17.22 ? 2044 HOH A O   1 
HETATM 596 O O   . HOH E 3 .  ? -9.064  -9.365  -4.224  1.00 18.02 ? 2045 HOH A O   1 
HETATM 597 O O   . HOH E 3 .  ? 0.619   -9.577  -3.148  1.00 14.04 ? 2046 HOH A O   1 
HETATM 598 O O   . HOH E 3 .  ? -0.193  -7.572  5.126   1.00 14.20 ? 2047 HOH A O   1 
HETATM 599 O O   . HOH E 3 .  ? -0.622  -6.974  2.583   1.00 14.93 ? 2048 HOH A O   1 
HETATM 600 O O   . HOH E 3 .  ? 0.945   -1.837  9.211   1.00 12.14 ? 2049 HOH A O   1 
HETATM 601 O O   . HOH E 3 .  ? -2.573  -7.914  10.628  1.00 20.64 ? 2050 HOH A O   1 
HETATM 602 O O   . HOH E 3 .  ? -4.326  -5.947  9.947   1.00 10.67 ? 2051 HOH A O   1 
HETATM 603 O O   . HOH E 3 .  ? -1.481  -10.128 9.450   1.00 19.79 ? 2052 HOH A O   1 
HETATM 604 O O   . HOH E 3 .  ? -0.567  -9.893  6.966   1.00 24.51 ? 2053 HOH A O   1 
HETATM 605 O O   . HOH E 3 .  ? 2.528   -10.739 6.483   1.00 40.25 ? 2054 HOH A O   1 
HETATM 606 O O   . HOH E 3 .  ? 4.651   -13.111 6.174   1.00 42.05 ? 2055 HOH A O   1 
HETATM 607 O O   . HOH E 3 .  ? 0.671   -10.956 10.836  1.00 38.41 ? 2056 HOH A O   1 
HETATM 608 O O   . HOH E 3 .  ? -7.388  -11.892 11.059  1.00 21.93 ? 2057 HOH A O   1 
HETATM 609 O O   . HOH E 3 .  ? -8.522  -13.925 9.675   1.00 36.06 ? 2058 HOH A O   1 
HETATM 610 O O   . HOH E 3 .  ? -6.008  -17.852 8.168   1.00 40.72 ? 2059 HOH A O   1 
HETATM 611 O O   . HOH E 3 .  ? 7.856   -12.576 -1.106  1.00 33.76 ? 2060 HOH A O   1 
HETATM 612 O O   . HOH E 3 .  ? 5.017   -12.246 -3.032  1.00 41.59 ? 2061 HOH A O   1 
HETATM 613 O O   . HOH E 3 .  ? 10.574  -11.939 -2.427  1.00 45.86 ? 2062 HOH A O   1 
HETATM 614 O O   . HOH E 3 .  ? 10.843  -11.728 1.985   1.00 37.40 ? 2063 HOH A O   1 
HETATM 615 O O   . HOH E 3 .  ? 12.640  -10.382 -3.414  1.00 26.30 ? 2064 HOH A O   1 
HETATM 616 O O   . HOH E 3 .  ? 11.130  -9.284  -5.316  1.00 37.02 ? 2065 HOH A O   1 
HETATM 617 O O   . HOH E 3 .  ? 10.707  -5.216  1.303   1.00 17.21 ? 2066 HOH A O   1 
HETATM 618 O O   . HOH E 3 .  ? 12.572  -7.017  0.011   1.00 11.00 ? 2067 HOH A O   1 
HETATM 619 O O   . HOH E 3 .  ? 9.556   -4.181  5.601   1.00 21.46 ? 2068 HOH A O   1 
HETATM 620 O O   . HOH E 3 .  ? 8.597   -7.898  5.678   1.00 36.52 ? 2069 HOH A O   1 
HETATM 621 O O   . HOH E 3 .  ? 13.456  -4.529  5.872   1.00 35.49 ? 2070 HOH A O   1 
HETATM 622 O O   . HOH E 3 .  ? 12.769  -1.731  6.824   1.00 34.53 ? 2071 HOH A O   1 
HETATM 623 O O   . HOH E 3 .  ? 9.495   3.154   7.849   1.00 19.80 ? 2072 HOH A O   1 
HETATM 624 O O   . HOH E 3 .  ? 7.506   3.459   6.014   1.00 14.98 ? 2073 HOH A O   1 
HETATM 625 O O   . HOH E 3 .  ? 11.361  5.323   8.570   1.00 37.62 ? 2074 HOH A O   1 
HETATM 626 O O   . HOH E 3 .  ? 11.169  1.406   11.940  1.00 56.54 ? 2075 HOH A O   1 
HETATM 627 O O   . HOH E 3 .  ? 5.240   2.478   7.354   1.00 20.25 ? 2076 HOH A O   1 
HETATM 628 O O   . HOH E 3 .  ? 7.468   1.074   9.798   1.00 35.28 ? 2077 HOH A O   1 
HETATM 629 O O   . HOH E 3 .  ? 4.437   7.668   10.048  1.00 21.59 ? 2078 HOH A O   1 
HETATM 630 O O   . HOH E 3 .  ? 0.461   5.604   12.218  1.00 24.54 ? 2079 HOH A O   1 
HETATM 631 O O   . HOH E 3 .  ? -1.014  7.375   15.543  1.00 18.93 ? 2080 HOH A O   1 
HETATM 632 O O   . HOH E 3 .  ? 13.561  10.001  4.393   1.00 16.07 ? 2081 HOH A O   1 
HETATM 633 O O   . HOH E 3 .  ? -4.193  7.444   12.015  1.00 20.41 ? 2082 HOH A O   1 
HETATM 634 O O   . HOH E 3 .  ? 4.174   12.439  4.453   1.00 26.49 ? 2083 HOH A O   1 
HETATM 635 O O   . HOH E 3 .  ? 1.594   11.885  5.846   1.00 35.13 ? 2084 HOH A O   1 
HETATM 636 O O   . HOH E 3 .  ? 0.743   10.091  4.212   1.00 20.59 ? 2085 HOH A O   1 
HETATM 637 O O   . HOH E 3 .  ? -2.087  9.604   5.005   1.00 19.79 ? 2086 HOH A O   1 
HETATM 638 O O   . HOH E 3 .  ? -5.497  8.427   7.668   1.00 30.30 ? 2087 HOH A O   1 
HETATM 639 O O   . HOH E 3 .  ? -9.047  8.413   1.410   1.00 25.68 ? 2088 HOH A O   1 
HETATM 640 O O   . HOH E 3 .  ? -8.919  10.584  -0.611  1.00 44.05 ? 2089 HOH A O   1 
HETATM 641 O O   . HOH E 3 .  ? -10.847 5.805   3.677   1.00 23.02 ? 2090 HOH A O   1 
HETATM 642 O O   . HOH E 3 .  ? -13.445 -4.228  -2.587  1.00 22.03 ? 2091 HOH A O   1 
HETATM 643 O O   . HOH E 3 .  ? -11.099 -2.708  -5.562  1.00 34.37 ? 2092 HOH A O   1 
HETATM 644 O O   . HOH E 3 .  ? -16.553 -7.030  -2.560  1.00 36.96 ? 2093 HOH A O   1 
HETATM 645 O O   . HOH E 3 .  ? -17.015 -8.059  -5.492  1.00 34.40 ? 2094 HOH A O   1 
HETATM 646 O O   . HOH E 3 .  ? -12.256 -7.300  2.358   1.00 12.68 ? 2095 HOH A O   1 
HETATM 647 O O   . HOH E 3 .  ? -13.435 -12.372 -2.794  1.00 26.22 ? 2096 HOH A O   1 
HETATM 648 O O   . HOH E 3 .  ? -8.661  6.385   5.125   1.00 33.90 ? 2097 HOH A O   1 
HETATM 649 O O   . HOH E 3 .  ? -9.970  6.920   7.492   1.00 33.94 ? 2098 HOH A O   1 
HETATM 650 O O   . HOH E 3 .  ? -7.200  7.889   9.714   1.00 25.91 ? 2099 HOH A O   1 
HETATM 651 O O   . HOH E 3 .  ? -1.782  10.090  10.064  1.00 26.93 ? 2100 HOH A O   1 
HETATM 652 O O   . HOH E 3 .  ? 5.403   15.816  -3.887  1.00 38.17 ? 2101 HOH A O   1 
HETATM 653 O O   . HOH E 3 .  ? -1.139  12.410  -0.875  1.00 30.01 ? 2102 HOH A O   1 
HETATM 654 O O   . HOH E 3 .  ? -0.278  10.487  -7.405  1.00 32.50 ? 2103 HOH A O   1 
HETATM 655 O O   . HOH E 3 .  ? -0.489  9.920   -3.916  1.00 26.45 ? 2104 HOH A O   1 
HETATM 656 O O   . HOH E 3 .  ? 1.704   11.936  -8.117  1.00 31.44 ? 2105 HOH A O   1 
HETATM 657 O O   . HOH E 3 .  ? 8.135   -8.310  -5.659  1.00 23.52 ? 2106 HOH A O   1 
HETATM 658 O O   . HOH E 3 .  ? -2.004  10.130  -11.146 1.00 34.01 ? 2107 HOH A O   1 
HETATM 659 O O   . HOH E 3 .  ? -7.036  13.817  -8.294  1.00 38.68 ? 2108 HOH A O   1 
HETATM 660 O O   . HOH E 3 .  ? -5.747  11.577  -12.552 1.00 41.18 ? 2109 HOH A O   1 
HETATM 661 O O   . HOH E 3 .  ? -6.627  4.849   -9.468  1.00 34.40 ? 2110 HOH A O   1 
HETATM 662 O O   . HOH E 3 .  ? -6.506  6.478   -11.539 1.00 30.16 ? 2111 HOH A O   1 
HETATM 663 O O   . HOH E 3 .  ? -8.790  1.812   -9.460  1.00 32.99 ? 2112 HOH A O   1 
HETATM 664 O O   . HOH E 3 .  ? -14.198 3.072   1.798   1.00 27.75 ? 2113 HOH A O   1 
HETATM 665 O O   . HOH E 3 .  ? -16.140 3.559   -0.740  1.00 37.71 ? 2114 HOH A O   1 
HETATM 666 O O   . HOH E 3 .  ? -10.615 -12.358 -4.614  1.00 34.67 ? 2115 HOH A O   1 
HETATM 667 O O   . HOH E 3 .  ? -18.093 -9.942  -9.830  1.00 45.95 ? 2116 HOH A O   1 
HETATM 668 O O   . HOH E 3 .  ? 0.266   8.167   13.451  1.00 27.82 ? 2117 HOH A O   1 
HETATM 669 O O   . HOH E 3 .  ? 1.448   -4.693  16.798  1.00 39.42 ? 2118 HOH A O   1 
HETATM 670 O O   . HOH E 3 .  ? 3.495   -5.694  14.634  1.00 35.10 ? 2119 HOH A O   1 
HETATM 671 O O   . HOH E 3 .  ? 1.991   -2.281  15.190  1.00 47.38 ? 2120 HOH A O   1 
HETATM 672 O O   . HOH E 3 .  ? 3.186   -4.579  10.607  1.00 31.79 ? 2121 HOH A O   1 
HETATM 673 O O   . HOH E 3 .  ? 5.889   -6.511  10.833  1.00 43.28 ? 2122 HOH A O   1 
HETATM 674 O O   . HOH E 3 .  ? 4.385   -8.382  9.844   1.00 23.49 ? 2123 HOH A O   1 
HETATM 675 O O   . HOH E 3 .  ? 3.202   -11.161 9.741   1.00 52.58 ? 2124 HOH A O   1 
HETATM 676 O O   . HOH E 3 .  ? 0.026   -18.899 6.039   1.00 38.13 ? 2125 HOH A O   1 
HETATM 677 O O   . HOH E 3 .  ? -2.177  -16.499 8.700   1.00 35.84 ? 2126 HOH A O   1 
HETATM 678 O O   . HOH E 3 .  ? -0.357  -12.532 6.472   1.00 40.41 ? 2127 HOH A O   1 
HETATM 679 O O   . HOH E 3 .  ? -3.736  -19.755 0.948   1.00 20.98 ? 2128 HOH A O   1 
HETATM 680 O O   . HOH E 3 .  ? 1.158   0.631   -2.349  1.00 9.88  ? 2129 HOH A O   1 
HETATM 681 O O   . HOH E 3 .  ? 4.848   -3.927  -10.776 1.00 36.38 ? 2130 HOH A O   1 
HETATM 682 O O   . HOH E 3 .  ? 2.307   -3.472  -10.935 1.00 27.03 ? 2131 HOH A O   1 
HETATM 683 O O   . HOH E 3 .  ? 2.470   -2.490  -13.549 1.00 29.48 ? 2132 HOH A O   1 
HETATM 684 O O   . HOH E 3 .  ? 6.464   0.579   -15.055 1.00 36.50 ? 2133 HOH A O   1 
HETATM 685 O O   . HOH E 3 .  ? 5.627   -1.331  -11.771 1.00 42.40 ? 2134 HOH A O   1 
HETATM 686 O O   . HOH E 3 .  ? 1.249   13.627  -0.486  1.00 36.29 ? 2135 HOH A O   1 
HETATM 687 O O   . HOH E 3 .  ? -3.094  -17.779 -5.044  1.00 19.64 ? 2136 HOH A O   1 
HETATM 688 O O   . HOH E 3 .  ? -4.459  -20.072 -3.114  1.00 23.02 ? 2137 HOH A O   1 
HETATM 689 O O   . HOH E 3 .  ? -4.589  -14.236 -5.206  1.00 18.27 ? 2138 HOH A O   1 
HETATM 690 O O   . HOH E 3 .  ? -3.352  -11.738 -4.844  1.00 32.43 ? 2139 HOH A O   1 
HETATM 691 O O   . HOH E 3 .  ? -0.807  -10.989 -6.091  1.00 46.36 ? 2140 HOH A O   1 
HETATM 692 O O   . HOH E 3 .  ? -13.468 -7.374  -3.765  1.00 29.56 ? 2141 HOH A O   1 
HETATM 693 O O   . HOH E 3 .  ? -11.667 -7.590  -6.158  1.00 30.84 ? 2142 HOH A O   1 
HETATM 694 O O   . HOH E 3 .  ? -10.010 -3.166  -9.766  1.00 38.87 ? 2143 HOH A O   1 
HETATM 695 O O   . HOH E 3 .  ? -6.054  -7.017  -7.491  1.00 37.96 ? 2144 HOH A O   1 
HETATM 696 O O   . HOH E 3 .  ? 4.124   -9.873  -5.237  1.00 29.39 ? 2145 HOH A O   1 
HETATM 697 O O   . HOH E 3 .  ? 2.462   -11.328 -10.112 1.00 37.60 ? 2146 HOH A O   1 
HETATM 698 O O   . HOH E 3 .  ? 3.412   -13.174 1.012   1.00 35.36 ? 2147 HOH A O   1 
HETATM 699 O O   . HOH E 3 .  ? 6.962   -13.853 3.986   1.00 44.76 ? 2148 HOH A O   1 
HETATM 700 O O   . HOH E 3 .  ? 5.506   -16.539 8.796   1.00 47.99 ? 2149 HOH A O   1 
HETATM 701 O O   . HOH E 3 .  ? 11.504  -9.236  -1.190  1.00 42.35 ? 2150 HOH A O   1 
HETATM 702 O O   . HOH E 3 .  ? 11.738  -5.426  4.084   1.00 38.32 ? 2151 HOH A O   1 
HETATM 703 O O   . HOH E 3 .  ? 10.566  -6.063  -2.721  1.00 50.89 ? 2152 HOH A O   1 
HETATM 704 O O   . HOH E 3 .  ? 8.096   -5.479  -3.558  1.00 25.95 ? 2153 HOH A O   1 
HETATM 705 O O   . HOH E 3 .  ? -1.441  0.041   -12.664 1.00 31.00 ? 2154 HOH A O   1 
HETATM 706 O O   . HOH E 3 .  ? 16.655  -2.157  7.934   1.00 39.98 ? 2155 HOH A O   1 
HETATM 707 O O   . HOH E 3 .  ? 2.737   7.045   11.945  1.00 42.10 ? 2156 HOH A O   1 
HETATM 708 O O   . HOH E 3 .  ? 10.730  9.153   7.782   1.00 31.64 ? 2157 HOH A O   1 
HETATM 709 O O   . HOH E 3 .  ? -4.524  5.380   -7.991  1.00 36.32 ? 2158 HOH A O   1 
HETATM 710 O O   . HOH E 3 .  ? -12.418 0.479   -8.666  1.00 41.50 ? 2159 HOH A O   1 
HETATM 711 O O   . HOH E 3 .  ? -17.538 2.705   -5.662  1.00 43.45 ? 2160 HOH A O   1 
HETATM 712 O O   . HOH E 3 .  ? -12.074 8.034   2.033   1.00 35.25 ? 2161 HOH A O   1 
HETATM 713 O O   . HOH E 3 .  ? -12.665 9.644   -3.235  1.00 50.61 ? 2162 HOH A O   1 
# 
